data_7SPO
#
_entry.id   7SPO
#
_cell.length_a   81.144
_cell.length_b   90.740
_cell.length_c   122.692
_cell.angle_alpha   90.000
_cell.angle_beta   90.000
_cell.angle_gamma   90.000
#
_symmetry.space_group_name_H-M   'P 21 21 21'
#
loop_
_entity.id
_entity.type
_entity.pdbx_description
1 polymer 'Spike protein S1'
2 polymer 'VNAR 3B4'
3 branched 2-acetamido-2-deoxy-beta-D-glucopyranose-(1-4)-[alpha-L-fucopyranose-(1-6)]2-acetamido-2-deoxy-beta-D-glucopyranose
4 non-polymer 1,2-ETHANEDIOL
5 water water
#
loop_
_entity_poly.entity_id
_entity_poly.type
_entity_poly.pdbx_seq_one_letter_code
_entity_poly.pdbx_strand_id
1 'polypeptide(L)'
;ETGPNITNLCPFGEVFNATRFASVYAWNRKRISNCVADYSVLYNSASFSTFKCYGVSPTKLNDLCFTNVYADSFVIRGDE
VRQIAPGQTGKIADYNYKLPDDFTGCVIAWNSNNLDSKVGGNYNYLYRLFRKSNLKPFERDISTEIYQAGSTPCNGVEGF
NCYFPLQSYGFQPTNGVGYQPYRVVVLSFELLHAPATVCGPKKSTNKHHHHHH
;
A,B
2 'polypeptide(L)'
;ASVNQTPRTATKETGESLTINCVVTGARCGLSRTSWFRKNPGTTDWERMSIGGRYVESVNKGAKSFSLRIKDLTVADSAT
YICRAWSDTSQKPCHAWEQKMWEGHVDGAGTVLTVNQASGAHHHHHHGAEFEQKLISEEDL
;
C,D
#
loop_
_chem_comp.id
_chem_comp.type
_chem_comp.name
_chem_comp.formula
EDO non-polymer 1,2-ETHANEDIOL 'C2 H6 O2'
FUC L-saccharide, alpha linking alpha-L-fucopyranose 'C6 H12 O5'
NAG D-saccharide, beta linking 2-acetamido-2-deoxy-beta-D-glucopyranose 'C8 H15 N O6'
#
# COMPACT_ATOMS: atom_id res chain seq x y z
N ASN A 8 14.40 34.76 -7.87
CA ASN A 8 14.35 33.33 -7.60
C ASN A 8 12.91 32.81 -7.46
N LEU A 9 12.36 32.23 -8.53
CA LEU A 9 10.92 31.95 -8.58
C LEU A 9 10.56 30.64 -7.89
N CYS A 10 9.45 30.65 -7.18
CA CYS A 10 9.00 29.46 -6.49
C CYS A 10 8.72 28.36 -7.52
N PRO A 11 9.12 27.12 -7.25
CA PRO A 11 8.96 26.03 -8.25
C PRO A 11 7.54 25.46 -8.27
N PHE A 12 6.56 26.31 -8.59
CA PHE A 12 5.19 25.84 -8.72
C PHE A 12 5.03 24.87 -9.88
N GLY A 13 5.94 24.91 -10.86
CA GLY A 13 5.86 23.98 -11.96
C GLY A 13 5.97 22.53 -11.51
N GLU A 14 6.91 22.24 -10.60
CA GLU A 14 7.09 20.89 -10.11
C GLU A 14 5.85 20.37 -9.41
N VAL A 15 4.99 21.25 -8.94
CA VAL A 15 3.80 20.85 -8.19
C VAL A 15 2.63 20.66 -9.15
N PHE A 16 2.30 21.71 -9.92
CA PHE A 16 1.13 21.68 -10.79
C PHE A 16 1.32 20.80 -12.00
N ASN A 17 2.56 20.67 -12.49
CA ASN A 17 2.87 19.90 -13.69
C ASN A 17 3.61 18.61 -13.35
N ALA A 18 3.56 18.17 -12.10
CA ALA A 18 4.19 16.91 -11.74
C ALA A 18 3.64 15.79 -12.62
N THR A 19 4.51 14.90 -13.04
CA THR A 19 4.08 13.82 -13.93
C THR A 19 3.10 12.89 -13.23
N ARG A 20 3.39 12.54 -11.97
CA ARG A 20 2.51 11.70 -11.16
C ARG A 20 1.93 12.50 -10.01
N PHE A 21 0.68 12.21 -9.66
CA PHE A 21 0.05 12.76 -8.48
C PHE A 21 -0.25 11.63 -7.51
N ALA A 22 -0.39 11.98 -6.23
CA ALA A 22 -0.64 11.04 -5.16
C ALA A 22 -2.11 10.70 -5.03
N SER A 23 -2.38 9.51 -4.50
CA SER A 23 -3.71 9.23 -3.96
C SER A 23 -3.97 10.17 -2.81
N VAL A 24 -5.24 10.54 -2.65
CA VAL A 24 -5.62 11.48 -1.59
C VAL A 24 -5.24 10.96 -0.21
N TYR A 25 -5.39 9.66 0.03
CA TYR A 25 -5.05 9.19 1.38
C TYR A 25 -3.57 9.34 1.67
N ALA A 26 -2.74 9.28 0.63
CA ALA A 26 -1.29 9.37 0.74
C ALA A 26 -0.81 10.71 0.14
N TRP A 27 -1.56 11.77 0.36
CA TRP A 27 -1.28 13.06 -0.25
C TRP A 27 0.15 13.56 -0.04
N ASN A 28 0.68 14.14 -1.09
CA ASN A 28 2.04 14.66 -1.10
C ASN A 28 2.05 16.10 -0.60
N ARG A 29 3.13 16.46 0.08
CA ARG A 29 3.34 17.83 0.53
C ARG A 29 4.72 18.29 0.07
N LYS A 30 4.79 19.48 -0.49
CA LYS A 30 6.07 20.09 -0.87
C LYS A 30 6.16 21.42 -0.14
N ARG A 31 7.23 21.62 0.63
CA ARG A 31 7.50 22.90 1.27
C ARG A 31 8.09 23.86 0.25
N ILE A 32 7.57 25.08 0.22
CA ILE A 32 8.03 26.12 -0.69
C ILE A 32 8.60 27.25 0.16
N SER A 33 9.88 27.56 -0.06
CA SER A 33 10.60 28.51 0.78
C SER A 33 11.59 29.28 -0.07
N ASN A 34 11.94 30.48 0.43
CA ASN A 34 13.05 31.29 -0.12
C ASN A 34 12.90 31.49 -1.62
N CYS A 35 11.79 32.12 -2.01
CA CYS A 35 11.51 32.31 -3.42
C CYS A 35 10.42 33.35 -3.59
N VAL A 36 10.26 33.82 -4.82
CA VAL A 36 9.25 34.80 -5.20
C VAL A 36 8.11 34.08 -5.92
N ALA A 37 6.89 34.34 -5.49
CA ALA A 37 5.71 33.66 -6.01
C ALA A 37 4.84 34.65 -6.76
N ASP A 38 4.78 34.49 -8.09
CA ASP A 38 3.82 35.23 -8.90
C ASP A 38 2.57 34.39 -9.04
N TYR A 39 1.52 34.74 -8.30
CA TYR A 39 0.27 33.99 -8.31
C TYR A 39 -0.69 34.45 -9.40
N SER A 40 -0.38 35.57 -10.07
CA SER A 40 -1.32 36.11 -11.04
C SER A 40 -1.45 35.21 -12.25
N VAL A 41 -0.36 34.55 -12.67
CA VAL A 41 -0.43 33.60 -13.78
C VAL A 41 -1.36 32.44 -13.39
N LEU A 42 -1.22 31.93 -12.17
CA LEU A 42 -2.08 30.82 -11.72
C LEU A 42 -3.52 31.28 -11.59
N TYR A 43 -3.74 32.44 -10.93
CA TYR A 43 -5.09 32.91 -10.67
C TYR A 43 -5.83 33.23 -11.97
N ASN A 44 -5.14 33.71 -12.99
CA ASN A 44 -5.80 34.10 -14.23
C ASN A 44 -5.85 32.98 -15.25
N SER A 45 -5.32 31.80 -14.93
CA SER A 45 -5.38 30.68 -15.85
C SER A 45 -6.80 30.16 -16.00
N ALA A 46 -7.18 29.87 -17.24
CA ALA A 46 -8.46 29.21 -17.49
C ALA A 46 -8.47 27.73 -17.13
N SER A 47 -7.31 27.16 -16.79
CA SER A 47 -7.23 25.71 -16.58
C SER A 47 -7.84 25.26 -15.26
N PHE A 48 -7.99 26.15 -14.26
CA PHE A 48 -8.44 25.74 -12.94
C PHE A 48 -9.94 25.98 -12.78
N SER A 49 -10.71 24.91 -12.57
CA SER A 49 -12.14 25.00 -12.39
C SER A 49 -12.53 25.33 -10.95
N THR A 50 -11.59 25.19 -10.01
CA THR A 50 -11.73 25.72 -8.67
C THR A 50 -10.48 26.50 -8.34
N PHE A 51 -10.65 27.71 -7.80
CA PHE A 51 -9.53 28.49 -7.27
C PHE A 51 -10.14 29.29 -6.10
N LYS A 52 -10.16 28.67 -4.93
CA LYS A 52 -10.85 29.20 -3.76
C LYS A 52 -9.86 29.49 -2.64
N CYS A 53 -9.82 30.76 -2.20
CA CYS A 53 -8.90 31.14 -1.13
C CYS A 53 -9.67 31.49 0.13
N TYR A 54 -9.07 31.16 1.27
CA TYR A 54 -9.67 31.36 2.58
C TYR A 54 -8.68 32.14 3.44
N GLY A 55 -9.18 33.15 4.14
CA GLY A 55 -8.32 34.01 4.93
C GLY A 55 -7.41 34.94 4.16
N VAL A 56 -7.50 34.97 2.83
CA VAL A 56 -6.69 35.87 2.01
C VAL A 56 -7.45 36.17 0.73
N SER A 57 -7.22 37.34 0.18
CA SER A 57 -7.83 37.76 -1.08
C SER A 57 -6.87 37.44 -2.21
N PRO A 58 -7.25 36.65 -3.21
CA PRO A 58 -6.28 36.27 -4.25
C PRO A 58 -5.77 37.44 -5.07
N THR A 59 -6.54 38.53 -5.18
CA THR A 59 -6.11 39.70 -5.92
C THR A 59 -5.00 40.45 -5.20
N LYS A 60 -4.72 40.12 -3.95
CA LYS A 60 -3.69 40.78 -3.18
C LYS A 60 -2.48 39.90 -2.92
N LEU A 61 -2.46 38.67 -3.45
CA LEU A 61 -1.41 37.74 -3.11
C LEU A 61 -0.05 38.21 -3.60
N ASN A 62 0.02 38.91 -4.72
CA ASN A 62 1.33 39.35 -5.20
C ASN A 62 1.92 40.43 -4.31
N ASP A 63 1.18 40.95 -3.33
CA ASP A 63 1.64 42.00 -2.44
C ASP A 63 1.98 41.50 -1.04
N LEU A 64 1.90 40.18 -0.81
CA LEU A 64 2.04 39.63 0.52
C LEU A 64 3.27 38.74 0.62
N CYS A 65 3.79 38.62 1.84
CA CYS A 65 4.86 37.70 2.16
C CYS A 65 4.39 36.72 3.22
N PHE A 66 4.96 35.51 3.21
CA PHE A 66 4.64 34.50 4.21
C PHE A 66 5.93 33.83 4.66
N THR A 67 5.87 33.28 5.88
CA THR A 67 7.03 32.57 6.40
C THR A 67 7.40 31.39 5.49
N ASN A 68 6.44 30.49 5.29
CA ASN A 68 6.59 29.38 4.36
C ASN A 68 5.28 29.19 3.64
N VAL A 69 5.34 28.50 2.50
CA VAL A 69 4.15 28.02 1.82
C VAL A 69 4.25 26.50 1.70
N TYR A 70 3.14 25.81 1.92
CA TYR A 70 3.10 24.37 1.71
C TYR A 70 2.13 24.06 0.57
N ALA A 71 2.53 23.12 -0.29
CA ALA A 71 1.78 22.76 -1.48
C ALA A 71 1.44 21.26 -1.34
N ASP A 72 0.20 20.96 -0.99
CA ASP A 72 -0.29 19.59 -0.85
C ASP A 72 -1.05 19.23 -2.11
N SER A 73 -0.81 18.03 -2.65
CA SER A 73 -1.45 17.67 -3.91
C SER A 73 -1.90 16.19 -3.90
N PHE A 74 -2.96 15.92 -4.64
CA PHE A 74 -3.55 14.57 -4.69
C PHE A 74 -4.64 14.57 -5.76
N VAL A 75 -5.23 13.39 -5.97
CA VAL A 75 -6.35 13.22 -6.88
C VAL A 75 -7.55 12.71 -6.09
N ILE A 76 -8.73 13.27 -6.41
CA ILE A 76 -10.04 12.88 -5.93
C ILE A 76 -11.01 12.92 -7.11
N ARG A 77 -12.27 12.55 -6.86
CA ARG A 77 -13.27 12.67 -7.91
C ARG A 77 -13.97 14.04 -7.85
N GLY A 78 -14.55 14.42 -8.99
CA GLY A 78 -15.13 15.76 -9.11
C GLY A 78 -16.10 16.12 -8.01
N ASP A 79 -17.00 15.22 -7.67
CA ASP A 79 -18.02 15.41 -6.64
C ASP A 79 -17.40 15.76 -5.28
N GLU A 80 -16.11 15.50 -5.08
CA GLU A 80 -15.50 15.64 -3.76
C GLU A 80 -14.67 16.89 -3.61
N VAL A 81 -14.44 17.63 -4.69
CA VAL A 81 -13.63 18.85 -4.57
C VAL A 81 -14.23 19.81 -3.54
N ARG A 82 -15.55 19.84 -3.42
CA ARG A 82 -16.19 20.67 -2.41
C ARG A 82 -15.80 20.29 -0.98
N GLN A 83 -15.26 19.08 -0.75
CA GLN A 83 -14.85 18.70 0.59
C GLN A 83 -13.48 19.27 0.98
N ILE A 84 -12.71 19.77 0.00
CA ILE A 84 -11.42 20.35 0.31
C ILE A 84 -11.64 21.82 0.67
N ALA A 85 -12.18 22.05 1.85
CA ALA A 85 -12.56 23.38 2.33
C ALA A 85 -12.65 23.33 3.85
N PRO A 86 -12.39 24.45 4.53
CA PRO A 86 -12.59 24.48 5.97
C PRO A 86 -14.01 24.13 6.33
N GLY A 87 -14.17 23.34 7.39
CA GLY A 87 -15.48 23.09 7.96
C GLY A 87 -16.31 22.02 7.28
N GLN A 88 -15.80 21.35 6.27
CA GLN A 88 -16.57 20.33 5.55
C GLN A 88 -16.47 18.95 6.22
N THR A 89 -17.43 18.10 5.90
CA THR A 89 -17.41 16.69 6.29
C THR A 89 -17.68 15.83 5.06
N GLY A 90 -17.55 14.52 5.25
CA GLY A 90 -17.56 13.53 4.20
C GLY A 90 -16.34 12.64 4.29
N LYS A 91 -16.35 11.58 3.46
CA LYS A 91 -15.28 10.59 3.48
C LYS A 91 -13.92 11.26 3.29
N ILE A 92 -13.82 12.18 2.34
CA ILE A 92 -12.53 12.77 2.05
C ILE A 92 -12.08 13.67 3.19
N ALA A 93 -12.93 14.61 3.60
CA ALA A 93 -12.54 15.52 4.67
C ALA A 93 -12.34 14.80 5.99
N ASP A 94 -13.13 13.77 6.24
CA ASP A 94 -13.09 13.08 7.53
C ASP A 94 -11.90 12.13 7.62
N TYR A 95 -11.59 11.43 6.52
CA TYR A 95 -10.68 10.30 6.60
C TYR A 95 -9.45 10.39 5.72
N ASN A 96 -9.31 11.43 4.89
CA ASN A 96 -8.25 11.44 3.90
C ASN A 96 -7.42 12.73 3.95
N TYR A 97 -8.05 13.91 3.84
CA TYR A 97 -7.33 15.18 3.86
C TYR A 97 -8.23 16.23 4.51
N LYS A 98 -7.81 16.73 5.67
CA LYS A 98 -8.60 17.68 6.45
C LYS A 98 -7.93 19.06 6.51
N LEU A 99 -8.68 20.11 6.22
CA LEU A 99 -8.25 21.48 6.39
C LEU A 99 -8.71 22.01 7.75
N PRO A 100 -7.91 22.86 8.39
CA PRO A 100 -8.34 23.44 9.66
C PRO A 100 -9.42 24.50 9.46
N ASP A 101 -10.20 24.70 10.52
CA ASP A 101 -11.20 25.76 10.52
C ASP A 101 -10.56 27.12 10.21
N ASP A 102 -9.39 27.41 10.77
CA ASP A 102 -8.72 28.70 10.58
C ASP A 102 -7.77 28.68 9.38
N PHE A 103 -8.06 27.88 8.38
CA PHE A 103 -7.20 27.75 7.21
C PHE A 103 -6.98 29.09 6.52
N THR A 104 -5.73 29.32 6.14
CA THR A 104 -5.33 30.48 5.35
C THR A 104 -4.59 29.93 4.14
N GLY A 105 -5.19 30.06 2.97
CA GLY A 105 -4.59 29.52 1.77
C GLY A 105 -5.62 29.37 0.67
N CYS A 106 -5.24 28.63 -0.38
CA CYS A 106 -6.05 28.52 -1.57
C CYS A 106 -6.13 27.07 -1.99
N VAL A 107 -7.31 26.69 -2.46
CA VAL A 107 -7.59 25.34 -3.00
C VAL A 107 -7.79 25.47 -4.50
N ILE A 108 -7.00 24.73 -5.26
CA ILE A 108 -6.91 24.85 -6.72
C ILE A 108 -7.10 23.46 -7.34
N ALA A 109 -8.07 23.33 -8.23
CA ALA A 109 -8.41 22.01 -8.78
C ALA A 109 -8.66 22.11 -10.26
N TRP A 110 -8.35 21.02 -10.97
CA TRP A 110 -8.65 20.96 -12.39
C TRP A 110 -8.99 19.53 -12.78
N ASN A 111 -9.84 19.41 -13.81
CA ASN A 111 -10.25 18.10 -14.31
C ASN A 111 -9.07 17.41 -14.97
N SER A 112 -8.82 16.15 -14.63
CA SER A 112 -7.70 15.47 -15.22
C SER A 112 -8.12 14.14 -15.87
N ASN A 113 -9.34 14.09 -16.42
CA ASN A 113 -9.84 12.89 -17.12
C ASN A 113 -8.89 12.44 -18.19
N ASN A 114 -8.28 13.39 -18.91
CA ASN A 114 -7.46 13.03 -20.05
C ASN A 114 -6.18 12.34 -19.61
N LEU A 115 -5.73 12.56 -18.39
CA LEU A 115 -4.49 11.97 -17.87
C LEU A 115 -4.71 10.82 -16.91
N ASP A 116 -5.73 10.89 -16.07
CA ASP A 116 -5.88 9.97 -14.94
C ASP A 116 -6.96 8.91 -15.10
N SER A 117 -7.69 8.93 -16.21
N SER A 117 -7.70 8.92 -16.21
CA SER A 117 -8.59 7.84 -16.55
CA SER A 117 -8.61 7.83 -16.53
C SER A 117 -7.93 6.93 -17.57
C SER A 117 -8.01 6.97 -17.63
N LYS A 118 -8.43 5.70 -17.63
CA LYS A 118 -7.94 4.71 -18.57
C LYS A 118 -9.12 3.85 -19.03
N VAL A 119 -9.12 3.48 -20.31
CA VAL A 119 -10.09 2.50 -20.79
C VAL A 119 -9.93 1.25 -19.94
N GLY A 120 -11.05 0.68 -19.49
CA GLY A 120 -11.02 -0.46 -18.60
C GLY A 120 -10.78 -0.11 -17.15
N GLY A 121 -10.48 1.14 -16.84
CA GLY A 121 -10.37 1.59 -15.46
C GLY A 121 -8.95 1.82 -15.00
N ASN A 122 -8.69 2.99 -14.45
CA ASN A 122 -7.45 3.25 -13.73
C ASN A 122 -7.70 3.03 -12.24
N TYR A 123 -6.98 2.07 -11.65
CA TYR A 123 -7.17 1.68 -10.26
C TYR A 123 -6.04 2.09 -9.35
N ASN A 124 -5.09 2.89 -9.83
CA ASN A 124 -3.96 3.29 -9.01
C ASN A 124 -4.33 4.33 -7.97
N TYR A 125 -5.40 5.11 -8.16
CA TYR A 125 -5.79 6.11 -7.17
C TYR A 125 -6.78 5.49 -6.19
N LEU A 126 -6.53 5.67 -4.89
CA LEU A 126 -7.34 5.10 -3.83
C LEU A 126 -7.80 6.17 -2.86
N TYR A 127 -8.80 5.85 -2.06
CA TYR A 127 -9.23 6.71 -0.97
C TYR A 127 -9.52 5.83 0.23
N ARG A 128 -9.45 6.41 1.43
CA ARG A 128 -9.77 5.73 2.67
C ARG A 128 -11.26 5.82 2.96
N LEU A 129 -11.89 4.68 3.19
CA LEU A 129 -13.32 4.61 3.40
C LEU A 129 -13.71 4.59 4.88
N PHE A 130 -12.85 4.07 5.76
CA PHE A 130 -13.17 3.90 7.17
C PHE A 130 -12.02 4.40 8.02
N ARG A 131 -12.35 4.93 9.20
CA ARG A 131 -11.34 5.31 10.18
C ARG A 131 -12.01 5.43 11.55
N LYS A 132 -11.26 5.10 12.61
CA LYS A 132 -11.83 5.08 13.95
C LYS A 132 -12.14 6.48 14.45
N SER A 133 -11.45 7.48 13.93
CA SER A 133 -11.69 8.86 14.32
C SER A 133 -11.40 9.73 13.11
N ASN A 134 -11.95 10.95 13.12
CA ASN A 134 -11.67 11.89 12.04
C ASN A 134 -10.23 12.38 12.12
N LEU A 135 -9.64 12.63 10.95
CA LEU A 135 -8.31 13.21 10.90
C LEU A 135 -8.30 14.59 11.55
N LYS A 136 -7.20 14.89 12.22
CA LYS A 136 -6.92 16.27 12.60
C LYS A 136 -6.45 17.07 11.39
N PRO A 137 -6.56 18.39 11.42
CA PRO A 137 -6.15 19.17 10.25
C PRO A 137 -4.71 18.86 9.83
N PHE A 138 -4.52 18.58 8.54
CA PHE A 138 -3.24 18.25 7.92
C PHE A 138 -2.65 16.94 8.44
N GLU A 139 -3.44 16.08 9.08
CA GLU A 139 -2.95 14.75 9.43
C GLU A 139 -2.96 13.83 8.21
N ARG A 140 -2.03 12.88 8.18
CA ARG A 140 -1.87 11.97 7.05
C ARG A 140 -1.81 10.54 7.56
N ASP A 141 -2.67 9.67 7.03
CA ASP A 141 -2.76 8.28 7.46
C ASP A 141 -2.62 7.37 6.25
N ILE A 142 -1.52 6.61 6.19
CA ILE A 142 -1.32 5.67 5.08
C ILE A 142 -1.30 4.21 5.56
N SER A 143 -1.80 3.96 6.77
CA SER A 143 -1.86 2.58 7.27
C SER A 143 -2.93 1.80 6.50
N THR A 144 -2.82 0.47 6.56
CA THR A 144 -3.81 -0.41 5.94
C THR A 144 -4.28 -1.47 6.94
N GLU A 145 -4.48 -1.08 8.19
CA GLU A 145 -5.08 -1.95 9.20
C GLU A 145 -6.52 -2.28 8.86
N ILE A 146 -6.89 -3.55 9.06
CA ILE A 146 -8.29 -3.93 8.93
C ILE A 146 -9.11 -3.12 9.93
N TYR A 147 -10.22 -2.56 9.47
CA TYR A 147 -11.05 -1.68 10.27
C TYR A 147 -12.04 -2.51 11.05
N GLN A 148 -12.00 -2.40 12.38
CA GLN A 148 -12.91 -3.13 13.26
C GLN A 148 -14.19 -2.33 13.39
N ALA A 149 -15.20 -2.70 12.62
CA ALA A 149 -16.48 -1.97 12.63
C ALA A 149 -17.45 -2.44 13.72
N GLY A 150 -17.18 -3.59 14.34
CA GLY A 150 -18.04 -4.09 15.39
C GLY A 150 -17.28 -4.35 16.66
N SER A 151 -17.78 -5.26 17.48
CA SER A 151 -17.15 -5.58 18.76
C SER A 151 -16.14 -6.71 18.65
N THR A 152 -16.19 -7.50 17.56
CA THR A 152 -15.28 -8.65 17.43
C THR A 152 -13.96 -8.19 16.82
N PRO A 153 -12.81 -8.55 17.43
CA PRO A 153 -11.52 -8.20 16.81
C PRO A 153 -11.31 -8.85 15.46
N CYS A 154 -10.59 -8.15 14.58
CA CYS A 154 -10.36 -8.63 13.23
C CYS A 154 -9.11 -9.52 13.09
N ASN A 155 -8.06 -9.30 13.90
CA ASN A 155 -6.81 -10.07 13.79
C ASN A 155 -6.21 -10.04 12.39
N GLY A 156 -6.39 -8.95 11.69
CA GLY A 156 -5.81 -8.82 10.38
C GLY A 156 -6.49 -9.56 9.28
N VAL A 157 -7.74 -10.02 9.48
CA VAL A 157 -8.50 -10.78 8.51
C VAL A 157 -9.76 -10.00 8.14
N GLU A 158 -10.00 -9.82 6.85
CA GLU A 158 -11.22 -9.15 6.40
C GLU A 158 -12.40 -10.09 6.61
N GLY A 159 -13.57 -9.52 6.89
CA GLY A 159 -14.73 -10.34 7.20
C GLY A 159 -15.87 -9.50 7.73
N PHE A 160 -16.75 -10.16 8.45
CA PHE A 160 -17.92 -9.51 9.04
C PHE A 160 -17.50 -8.43 10.03
N ASN A 161 -17.99 -7.22 9.81
CA ASN A 161 -17.64 -6.04 10.60
C ASN A 161 -16.13 -5.80 10.65
N CYS A 162 -15.38 -6.29 9.65
CA CYS A 162 -13.92 -6.20 9.61
C CYS A 162 -13.46 -5.84 8.19
N TYR A 163 -13.16 -4.55 7.94
CA TYR A 163 -13.05 -4.09 6.55
C TYR A 163 -11.65 -3.58 6.20
N PHE A 164 -11.16 -3.97 5.03
CA PHE A 164 -10.00 -3.31 4.47
C PHE A 164 -10.34 -1.83 4.24
N PRO A 165 -9.47 -0.90 4.63
CA PRO A 165 -9.89 0.49 4.72
C PRO A 165 -9.80 1.33 3.46
N LEU A 166 -9.19 0.84 2.38
CA LEU A 166 -8.98 1.62 1.16
C LEU A 166 -9.77 1.05 -0.02
N GLN A 167 -10.24 1.95 -0.89
CA GLN A 167 -10.99 1.59 -2.08
C GLN A 167 -10.39 2.32 -3.27
N SER A 168 -10.38 1.67 -4.41
CA SER A 168 -9.96 2.29 -5.66
C SER A 168 -11.08 3.09 -6.28
N TYR A 169 -10.73 4.25 -6.87
CA TYR A 169 -11.68 5.02 -7.65
C TYR A 169 -12.03 4.35 -8.99
N GLY A 170 -11.10 3.70 -9.62
CA GLY A 170 -11.48 3.09 -10.93
C GLY A 170 -11.82 4.02 -12.10
N PHE A 171 -11.15 5.15 -12.18
CA PHE A 171 -11.47 6.18 -13.18
C PHE A 171 -11.48 5.68 -14.62
N GLN A 172 -12.60 5.87 -15.30
CA GLN A 172 -12.72 5.59 -16.72
C GLN A 172 -13.10 6.85 -17.49
N PRO A 173 -12.71 6.96 -18.77
CA PRO A 173 -12.97 8.21 -19.49
C PRO A 173 -14.44 8.50 -19.69
N THR A 174 -15.30 7.48 -19.74
CA THR A 174 -16.74 7.68 -19.89
C THR A 174 -17.46 8.00 -18.58
N ASN A 175 -16.74 8.12 -17.48
CA ASN A 175 -17.38 8.54 -16.25
C ASN A 175 -18.09 9.87 -16.44
N GLY A 176 -19.17 10.05 -15.69
CA GLY A 176 -19.75 11.36 -15.55
C GLY A 176 -18.82 12.30 -14.80
N VAL A 177 -19.09 13.60 -14.96
CA VAL A 177 -18.13 14.60 -14.49
C VAL A 177 -17.89 14.46 -12.99
N GLY A 178 -18.94 14.16 -12.23
CA GLY A 178 -18.79 13.98 -10.81
C GLY A 178 -17.93 12.80 -10.42
N TYR A 179 -17.74 11.85 -11.33
CA TYR A 179 -16.89 10.71 -11.10
C TYR A 179 -15.54 10.81 -11.82
N GLN A 180 -15.28 11.89 -12.54
CA GLN A 180 -14.00 11.99 -13.23
C GLN A 180 -12.92 12.43 -12.26
N PRO A 181 -11.67 12.10 -12.54
CA PRO A 181 -10.59 12.53 -11.65
C PRO A 181 -10.31 14.02 -11.76
N TYR A 182 -10.03 14.63 -10.62
CA TYR A 182 -9.56 15.99 -10.50
C TYR A 182 -8.25 16.01 -9.74
N ARG A 183 -7.27 16.73 -10.27
CA ARG A 183 -6.06 17.02 -9.55
C ARG A 183 -6.30 18.26 -8.67
N VAL A 184 -5.70 18.27 -7.49
CA VAL A 184 -5.97 19.29 -6.48
C VAL A 184 -4.64 19.69 -5.89
N VAL A 185 -4.43 20.99 -5.76
CA VAL A 185 -3.26 21.54 -5.09
C VAL A 185 -3.80 22.47 -4.01
N VAL A 186 -3.36 22.27 -2.76
CA VAL A 186 -3.76 23.14 -1.67
C VAL A 186 -2.53 23.93 -1.25
N LEU A 187 -2.60 25.25 -1.36
CA LEU A 187 -1.49 26.11 -0.94
C LEU A 187 -1.80 26.64 0.45
N SER A 188 -0.94 26.34 1.43
CA SER A 188 -1.09 26.83 2.78
C SER A 188 -0.12 27.98 2.96
N PHE A 189 -0.62 29.11 3.42
CA PHE A 189 0.19 30.31 3.62
C PHE A 189 0.45 30.42 5.12
N GLU A 190 1.64 30.02 5.55
CA GLU A 190 1.97 29.94 6.96
C GLU A 190 2.57 31.26 7.40
N LEU A 191 2.08 31.78 8.53
CA LEU A 191 2.56 33.04 9.11
C LEU A 191 3.02 32.77 10.53
N LEU A 192 4.34 32.79 10.72
CA LEU A 192 4.98 32.69 12.02
C LEU A 192 5.66 34.02 12.39
N HIS A 193 5.96 34.17 13.68
CA HIS A 193 6.73 35.32 14.17
C HIS A 193 8.21 35.11 13.82
N ALA A 194 8.51 35.30 12.53
CA ALA A 194 9.83 35.02 11.99
C ALA A 194 9.97 35.76 10.66
N PRO A 195 11.19 35.84 10.11
CA PRO A 195 11.35 36.51 8.81
C PRO A 195 10.62 35.76 7.71
N ALA A 196 10.18 36.53 6.69
CA ALA A 196 9.43 35.93 5.59
C ALA A 196 10.39 35.34 4.57
N THR A 197 10.02 34.19 3.99
CA THR A 197 10.84 33.58 2.94
C THR A 197 10.14 33.45 1.61
N VAL A 198 8.82 33.70 1.54
CA VAL A 198 8.08 33.62 0.30
C VAL A 198 7.30 34.91 0.13
N CYS A 199 7.63 35.67 -0.91
CA CYS A 199 7.01 36.98 -1.16
C CYS A 199 6.52 37.02 -2.61
N GLY A 200 5.49 37.85 -2.84
CA GLY A 200 5.07 38.14 -4.19
C GLY A 200 6.08 39.06 -4.86
N PRO A 201 5.97 39.23 -6.18
CA PRO A 201 6.98 40.03 -6.89
C PRO A 201 7.04 41.47 -6.41
N LYS A 202 5.92 42.01 -5.90
CA LYS A 202 5.90 43.36 -5.35
C LYS A 202 6.52 43.42 -3.95
N LYS A 203 6.97 42.30 -3.40
CA LYS A 203 7.61 42.23 -2.08
C LYS A 203 6.80 43.00 -1.04
N ASN B 8 -14.63 -33.18 10.08
CA ASN B 8 -14.51 -31.95 9.31
C ASN B 8 -13.09 -31.37 9.39
N LEU B 9 -12.28 -31.67 8.38
CA LEU B 9 -10.84 -31.45 8.48
C LEU B 9 -10.47 -30.02 8.11
N CYS B 10 -9.51 -29.46 8.82
CA CYS B 10 -9.12 -28.07 8.57
C CYS B 10 -8.54 -27.95 7.16
N PRO B 11 -8.83 -26.85 6.45
CA PRO B 11 -8.43 -26.72 5.05
C PRO B 11 -6.99 -26.24 4.91
N PHE B 12 -6.05 -27.02 5.47
CA PHE B 12 -4.65 -26.64 5.37
C PHE B 12 -4.13 -26.77 3.95
N GLY B 13 -4.72 -27.66 3.15
CA GLY B 13 -4.27 -27.81 1.78
C GLY B 13 -4.35 -26.52 0.99
N GLU B 14 -5.40 -25.73 1.22
CA GLU B 14 -5.53 -24.46 0.51
C GLU B 14 -4.35 -23.55 0.78
N VAL B 15 -3.72 -23.70 1.96
CA VAL B 15 -2.59 -22.85 2.37
C VAL B 15 -1.30 -23.45 1.83
N PHE B 16 -0.99 -24.68 2.26
CA PHE B 16 0.29 -25.27 1.92
C PHE B 16 0.43 -25.57 0.43
N ASN B 17 -0.67 -25.89 -0.24
CA ASN B 17 -0.61 -26.27 -1.64
C ASN B 17 -1.19 -25.18 -2.55
N ALA B 18 -1.24 -23.94 -2.08
CA ALA B 18 -1.67 -22.86 -2.95
C ALA B 18 -0.78 -22.77 -4.18
N THR B 19 -1.39 -22.55 -5.33
CA THR B 19 -0.61 -22.47 -6.55
C THR B 19 0.33 -21.26 -6.51
N ARG B 20 -0.16 -20.12 -6.02
CA ARG B 20 0.67 -18.92 -5.87
C ARG B 20 0.75 -18.52 -4.39
N PHE B 21 1.92 -18.06 -3.99
CA PHE B 21 2.17 -17.57 -2.65
C PHE B 21 2.39 -16.06 -2.72
N ALA B 22 2.10 -15.38 -1.63
CA ALA B 22 2.25 -13.93 -1.55
C ALA B 22 3.71 -13.53 -1.42
N SER B 23 4.02 -12.31 -1.88
CA SER B 23 5.27 -11.69 -1.48
C SER B 23 5.31 -11.49 0.03
N VAL B 24 6.52 -11.62 0.60
CA VAL B 24 6.67 -11.46 2.05
C VAL B 24 6.15 -10.10 2.55
N TYR B 25 6.41 -9.03 1.81
CA TYR B 25 5.95 -7.72 2.30
C TYR B 25 4.43 -7.62 2.33
N ALA B 26 3.75 -8.32 1.41
CA ALA B 26 2.30 -8.39 1.34
C ALA B 26 1.80 -9.77 1.78
N TRP B 27 2.38 -10.28 2.86
CA TRP B 27 2.06 -11.62 3.32
C TRP B 27 0.58 -11.85 3.56
N ASN B 28 0.14 -13.04 3.22
CA ASN B 28 -1.27 -13.39 3.29
C ASN B 28 -1.57 -14.04 4.65
N ARG B 29 -2.78 -13.80 5.15
CA ARG B 29 -3.23 -14.46 6.36
C ARG B 29 -4.58 -15.10 6.13
N LYS B 30 -4.77 -16.29 6.67
CA LYS B 30 -6.07 -16.97 6.59
C LYS B 30 -6.44 -17.40 8.01
N ARG B 31 -7.69 -17.20 8.38
CA ARG B 31 -8.20 -17.66 9.67
C ARG B 31 -8.73 -19.07 9.47
N ILE B 32 -8.32 -19.96 10.35
CA ILE B 32 -8.80 -21.36 10.37
C ILE B 32 -9.64 -21.53 11.62
N SER B 33 -10.88 -22.00 11.45
CA SER B 33 -11.89 -22.05 12.47
C SER B 33 -12.78 -23.28 12.30
N ASN B 34 -13.38 -23.71 13.41
CA ASN B 34 -14.46 -24.71 13.40
C ASN B 34 -14.09 -25.92 12.53
N CYS B 35 -13.02 -26.61 12.93
CA CYS B 35 -12.53 -27.74 12.17
C CYS B 35 -11.57 -28.56 13.01
N VAL B 36 -11.28 -29.77 12.54
CA VAL B 36 -10.39 -30.72 13.20
C VAL B 36 -9.04 -30.66 12.50
N ALA B 37 -8.00 -30.46 13.26
CA ALA B 37 -6.65 -30.31 12.74
C ALA B 37 -5.85 -31.57 13.09
N ASP B 38 -5.53 -32.38 12.08
CA ASP B 38 -4.55 -33.46 12.27
C ASP B 38 -3.20 -32.88 11.93
N TYR B 39 -2.50 -32.38 12.95
CA TYR B 39 -1.18 -31.80 12.72
C TYR B 39 -0.12 -32.86 12.50
N SER B 40 -0.45 -34.14 12.66
CA SER B 40 0.56 -35.19 12.64
C SER B 40 1.04 -35.46 11.23
N VAL B 41 0.18 -35.33 10.21
CA VAL B 41 0.65 -35.50 8.84
C VAL B 41 1.64 -34.39 8.50
N LEU B 42 1.35 -33.14 8.91
CA LEU B 42 2.27 -32.04 8.65
C LEU B 42 3.62 -32.28 9.32
N TYR B 43 3.61 -32.53 10.64
CA TYR B 43 4.85 -32.68 11.39
C TYR B 43 5.68 -33.85 10.89
N ASN B 44 5.04 -34.92 10.44
CA ASN B 44 5.78 -36.10 10.00
C ASN B 44 6.23 -36.02 8.56
N SER B 45 5.77 -35.03 7.80
CA SER B 45 6.13 -34.95 6.39
C SER B 45 7.62 -34.75 6.22
N ALA B 46 8.18 -35.37 5.19
CA ALA B 46 9.57 -35.13 4.79
C ALA B 46 9.76 -33.85 3.97
N SER B 47 8.67 -33.22 3.53
CA SER B 47 8.81 -32.07 2.63
C SER B 47 9.40 -30.84 3.32
N PHE B 48 9.12 -30.66 4.61
CA PHE B 48 9.42 -29.41 5.28
C PHE B 48 10.83 -29.42 5.87
N SER B 49 11.65 -28.44 5.49
CA SER B 49 13.02 -28.36 5.98
C SER B 49 13.14 -27.49 7.22
N THR B 50 12.10 -26.75 7.56
CA THR B 50 12.01 -26.09 8.85
C THR B 50 10.63 -26.38 9.39
N PHE B 51 10.57 -26.79 10.66
CA PHE B 51 9.30 -27.00 11.36
C PHE B 51 9.62 -26.71 12.83
N LYS B 52 9.61 -25.43 13.16
CA LYS B 52 10.00 -24.96 14.48
C LYS B 52 8.79 -24.39 15.21
N CYS B 53 8.55 -24.88 16.41
CA CYS B 53 7.42 -24.40 17.19
C CYS B 53 7.92 -23.70 18.44
N TYR B 54 7.17 -22.68 18.84
CA TYR B 54 7.50 -21.83 19.98
C TYR B 54 6.30 -21.79 20.90
N GLY B 55 6.55 -21.95 22.20
CA GLY B 55 5.48 -22.01 23.16
C GLY B 55 4.57 -23.22 23.06
N VAL B 56 4.85 -24.17 22.17
CA VAL B 56 4.09 -25.42 22.09
C VAL B 56 5.00 -26.55 21.64
N SER B 57 4.60 -27.76 21.99
CA SER B 57 5.33 -28.97 21.62
C SER B 57 4.64 -29.60 20.43
N PRO B 58 5.29 -29.72 19.28
CA PRO B 58 4.58 -30.26 18.11
C PRO B 58 4.04 -31.68 18.33
N THR B 59 4.70 -32.49 19.15
CA THR B 59 4.20 -33.84 19.37
C THR B 59 2.87 -33.86 20.13
N LYS B 60 2.51 -32.76 20.79
CA LYS B 60 1.30 -32.68 21.58
C LYS B 60 0.15 -31.99 20.85
N LEU B 61 0.37 -31.51 19.62
CA LEU B 61 -0.63 -30.66 18.97
C LEU B 61 -1.94 -31.40 18.72
N ASN B 62 -1.90 -32.70 18.44
CA ASN B 62 -3.13 -33.44 18.23
C ASN B 62 -3.94 -33.63 19.50
N ASP B 63 -3.41 -33.23 20.65
CA ASP B 63 -4.11 -33.34 21.92
C ASP B 63 -4.61 -32.00 22.42
N LEU B 64 -4.46 -30.95 21.63
CA LEU B 64 -4.74 -29.60 22.07
C LEU B 64 -5.85 -28.99 21.22
N CYS B 65 -6.56 -28.05 21.82
CA CYS B 65 -7.59 -27.27 21.16
C CYS B 65 -7.22 -25.79 21.28
N PHE B 66 -7.60 -25.00 20.26
CA PHE B 66 -7.39 -23.55 20.29
C PHE B 66 -8.65 -22.86 19.79
N THR B 67 -8.78 -21.57 20.15
CA THR B 67 -9.94 -20.79 19.73
C THR B 67 -9.96 -20.62 18.22
N ASN B 68 -8.82 -20.26 17.65
CA ASN B 68 -8.65 -20.11 16.20
C ASN B 68 -7.19 -20.43 15.91
N VAL B 69 -6.92 -20.79 14.65
CA VAL B 69 -5.55 -20.84 14.14
C VAL B 69 -5.41 -19.84 12.96
N TYR B 70 -4.32 -19.08 12.94
CA TYR B 70 -4.06 -18.22 11.80
C TYR B 70 -2.89 -18.80 11.02
N ALA B 71 -3.03 -18.80 9.70
CA ALA B 71 -2.00 -19.30 8.80
C ALA B 71 -1.52 -18.14 7.93
N ASP B 72 -0.30 -17.69 8.16
CA ASP B 72 0.34 -16.64 7.36
C ASP B 72 1.32 -17.29 6.38
N SER B 73 1.33 -16.82 5.12
CA SER B 73 2.19 -17.48 4.14
C SER B 73 2.82 -16.45 3.20
N PHE B 74 4.02 -16.78 2.73
CA PHE B 74 4.78 -15.91 1.84
C PHE B 74 6.04 -16.64 1.37
N VAL B 75 6.79 -15.98 0.50
CA VAL B 75 8.05 -16.48 -0.02
C VAL B 75 9.19 -15.54 0.36
N ILE B 76 10.30 -16.12 0.81
CA ILE B 76 11.57 -15.42 1.08
C ILE B 76 12.72 -16.27 0.52
N ARG B 77 13.96 -15.80 0.71
CA ARG B 77 15.06 -16.66 0.27
C ARG B 77 15.49 -17.59 1.39
N GLY B 78 16.18 -18.67 1.01
CA GLY B 78 16.48 -19.71 2.00
C GLY B 78 17.16 -19.19 3.25
N ASP B 79 18.17 -18.35 3.07
CA ASP B 79 18.99 -17.94 4.21
C ASP B 79 18.31 -16.86 5.03
N GLU B 80 17.06 -16.49 4.69
CA GLU B 80 16.23 -15.62 5.52
C GLU B 80 15.23 -16.37 6.38
N VAL B 81 15.04 -17.68 6.19
CA VAL B 81 14.05 -18.41 6.99
C VAL B 81 14.37 -18.28 8.48
N ARG B 82 15.64 -18.20 8.83
CA ARG B 82 16.02 -18.03 10.22
C ARG B 82 15.45 -16.75 10.83
N GLN B 83 15.06 -15.76 10.01
CA GLN B 83 14.50 -14.54 10.60
C GLN B 83 13.06 -14.69 10.99
N ILE B 84 12.39 -15.75 10.56
CA ILE B 84 10.99 -15.98 10.92
C ILE B 84 10.97 -16.74 12.25
N ALA B 85 11.28 -16.02 13.31
CA ALA B 85 11.34 -16.57 14.66
C ALA B 85 11.28 -15.41 15.62
N PRO B 86 10.77 -15.62 16.84
CA PRO B 86 10.75 -14.53 17.82
C PRO B 86 12.16 -13.99 18.06
N GLY B 87 12.26 -12.66 18.24
CA GLY B 87 13.48 -12.02 18.63
C GLY B 87 14.50 -11.77 17.54
N GLN B 88 14.21 -12.12 16.29
CA GLN B 88 15.20 -11.96 15.25
C GLN B 88 15.21 -10.53 14.68
N THR B 89 16.32 -10.20 14.02
CA THR B 89 16.49 -8.92 13.31
C THR B 89 17.00 -9.20 11.89
N GLY B 90 16.96 -8.17 11.05
CA GLY B 90 17.32 -8.27 9.65
C GLY B 90 16.20 -7.72 8.79
N LYS B 91 16.49 -7.63 7.48
CA LYS B 91 15.55 -6.96 6.58
C LYS B 91 14.18 -7.60 6.64
N ILE B 92 14.11 -8.94 6.75
CA ILE B 92 12.79 -9.57 6.73
C ILE B 92 12.07 -9.33 8.05
N ALA B 93 12.71 -9.70 9.17
CA ALA B 93 12.07 -9.50 10.48
C ALA B 93 11.78 -8.02 10.77
N ASP B 94 12.68 -7.11 10.37
CA ASP B 94 12.50 -5.71 10.72
C ASP B 94 11.47 -5.01 9.84
N TYR B 95 11.47 -5.30 8.53
CA TYR B 95 10.73 -4.51 7.57
C TYR B 95 9.62 -5.26 6.84
N ASN B 96 9.48 -6.58 6.99
CA ASN B 96 8.53 -7.31 6.17
C ASN B 96 7.55 -8.16 6.97
N TYR B 97 8.05 -8.97 7.89
CA TYR B 97 7.18 -9.87 8.66
C TYR B 97 7.82 -10.12 10.02
N LYS B 98 7.14 -9.67 11.08
CA LYS B 98 7.70 -9.67 12.42
C LYS B 98 6.86 -10.57 13.34
N LEU B 99 7.48 -11.50 13.98
CA LEU B 99 6.81 -12.30 15.00
C LEU B 99 6.95 -11.66 16.38
N PRO B 100 5.94 -11.76 17.23
CA PRO B 100 6.07 -11.24 18.60
C PRO B 100 7.03 -12.06 19.44
N ASP B 101 7.51 -11.44 20.51
CA ASP B 101 8.38 -12.14 21.45
C ASP B 101 7.65 -13.32 22.08
N ASP B 102 6.34 -13.19 22.33
CA ASP B 102 5.57 -14.23 23.00
C ASP B 102 4.80 -15.11 22.02
N PHE B 103 5.31 -15.23 20.80
CA PHE B 103 4.69 -16.06 19.78
C PHE B 103 4.41 -17.49 20.27
N THR B 104 3.18 -17.96 20.03
CA THR B 104 2.81 -19.36 20.21
C THR B 104 2.39 -19.91 18.85
N GLY B 105 3.19 -20.80 18.30
CA GLY B 105 2.88 -21.34 17.00
C GLY B 105 4.09 -22.01 16.39
N CYS B 106 3.96 -22.34 15.09
CA CYS B 106 5.00 -23.09 14.39
C CYS B 106 5.35 -22.39 13.09
N VAL B 107 6.62 -22.47 12.73
CA VAL B 107 7.15 -21.89 11.50
C VAL B 107 7.57 -23.03 10.60
N ILE B 108 6.95 -23.12 9.43
CA ILE B 108 7.09 -24.25 8.52
C ILE B 108 7.56 -23.71 7.17
N ALA B 109 8.66 -24.24 6.66
CA ALA B 109 9.20 -23.73 5.40
C ALA B 109 9.73 -24.88 4.56
N TRP B 110 9.69 -24.72 3.25
CA TRP B 110 10.27 -25.67 2.32
C TRP B 110 10.78 -24.97 1.08
N ASN B 111 11.74 -25.63 0.40
CA ASN B 111 12.37 -25.09 -0.80
C ASN B 111 11.39 -25.12 -1.96
N SER B 112 11.20 -24.00 -2.65
CA SER B 112 10.25 -23.93 -3.75
C SER B 112 10.96 -23.50 -5.03
N ASN B 113 12.25 -23.84 -5.16
CA ASN B 113 13.00 -23.50 -6.37
C ASN B 113 12.28 -23.99 -7.62
N ASN B 114 11.83 -25.23 -7.61
CA ASN B 114 11.27 -25.79 -8.82
C ASN B 114 9.94 -25.15 -9.20
N LEU B 115 9.28 -24.53 -8.25
CA LEU B 115 8.02 -23.82 -8.50
C LEU B 115 8.20 -22.31 -8.74
N ASP B 116 9.08 -21.63 -7.99
CA ASP B 116 9.07 -20.18 -7.93
C ASP B 116 10.25 -19.51 -8.61
N SER B 117 11.29 -20.24 -8.98
CA SER B 117 12.35 -19.67 -9.80
C SER B 117 12.01 -19.84 -11.26
N LYS B 118 12.40 -18.85 -12.08
CA LYS B 118 12.10 -18.88 -13.50
C LYS B 118 13.39 -18.58 -14.26
N VAL B 119 13.57 -19.23 -15.40
CA VAL B 119 14.70 -18.87 -16.27
C VAL B 119 14.58 -17.38 -16.58
N GLY B 120 15.70 -16.68 -16.48
CA GLY B 120 15.69 -15.25 -16.69
C GLY B 120 15.23 -14.45 -15.50
N GLY B 121 14.77 -15.11 -14.44
CA GLY B 121 14.41 -14.43 -13.23
C GLY B 121 12.92 -14.36 -13.03
N ASN B 122 12.44 -14.72 -11.85
CA ASN B 122 11.06 -14.48 -11.46
C ASN B 122 11.06 -13.16 -10.67
N TYR B 123 10.30 -12.18 -11.15
CA TYR B 123 10.27 -10.86 -10.55
C TYR B 123 8.99 -10.57 -9.80
N ASN B 124 8.11 -11.55 -9.63
CA ASN B 124 6.84 -11.31 -8.96
C ASN B 124 6.97 -11.25 -7.46
N TYR B 125 7.99 -11.89 -6.88
CA TYR B 125 8.18 -11.89 -5.45
C TYR B 125 9.07 -10.72 -5.04
N LEU B 126 8.59 -9.90 -4.11
CA LEU B 126 9.26 -8.68 -3.69
C LEU B 126 9.42 -8.70 -2.20
N TYR B 127 10.35 -7.88 -1.71
CA TYR B 127 10.54 -7.64 -0.29
C TYR B 127 10.80 -6.15 -0.09
N ARG B 128 10.50 -5.66 1.12
CA ARG B 128 10.76 -4.28 1.48
C ARG B 128 12.20 -4.12 1.94
N LEU B 129 12.91 -3.15 1.32
CA LEU B 129 14.32 -2.94 1.57
C LEU B 129 14.55 -1.81 2.55
N PHE B 130 13.64 -0.86 2.64
CA PHE B 130 13.80 0.33 3.46
C PHE B 130 12.54 0.56 4.28
N ARG B 131 12.70 1.12 5.47
CA ARG B 131 11.56 1.57 6.26
C ARG B 131 12.07 2.49 7.36
N LYS B 132 11.24 3.49 7.71
CA LYS B 132 11.70 4.47 8.70
C LYS B 132 11.78 3.89 10.10
N SER B 133 11.03 2.83 10.38
CA SER B 133 11.00 2.17 11.68
C SER B 133 10.73 0.70 11.46
N ASN B 134 11.03 -0.12 12.46
CA ASN B 134 10.73 -1.56 12.38
C ASN B 134 9.22 -1.81 12.50
N LEU B 135 8.77 -2.86 11.82
CA LEU B 135 7.40 -3.29 11.94
C LEU B 135 7.09 -3.74 13.37
N LYS B 136 5.87 -3.47 13.82
CA LYS B 136 5.33 -4.12 15.01
C LYS B 136 4.94 -5.57 14.69
N PRO B 137 4.84 -6.42 15.70
CA PRO B 137 4.49 -7.83 15.43
C PRO B 137 3.19 -7.96 14.63
N PHE B 138 3.25 -8.75 13.56
CA PHE B 138 2.12 -9.02 12.67
C PHE B 138 1.64 -7.76 11.95
N GLU B 139 2.46 -6.71 11.91
CA GLU B 139 2.11 -5.55 11.11
C GLU B 139 2.38 -5.90 9.64
N ARG B 140 1.59 -5.31 8.75
CA ARG B 140 1.70 -5.53 7.32
C ARG B 140 1.79 -4.16 6.65
N ASP B 141 2.87 -3.91 5.91
CA ASP B 141 3.12 -2.59 5.27
C ASP B 141 3.20 -2.86 3.77
N ILE B 142 2.20 -2.37 3.04
CA ILE B 142 2.15 -2.56 1.61
C ILE B 142 2.29 -1.22 0.87
N SER B 143 2.77 -0.19 1.57
CA SER B 143 2.95 1.10 0.94
C SER B 143 4.13 1.08 -0.02
N THR B 144 4.10 2.02 -0.93
CA THR B 144 5.14 2.20 -1.92
C THR B 144 5.61 3.65 -1.92
N GLU B 145 5.67 4.26 -0.73
CA GLU B 145 6.27 5.59 -0.61
C GLU B 145 7.75 5.58 -0.97
N ILE B 146 8.16 6.59 -1.75
CA ILE B 146 9.58 6.75 -2.02
C ILE B 146 10.29 7.00 -0.70
N TYR B 147 11.37 6.25 -0.47
CA TYR B 147 12.06 6.29 0.81
C TYR B 147 13.13 7.37 0.80
N GLN B 148 13.04 8.29 1.76
CA GLN B 148 13.99 9.40 1.87
C GLN B 148 15.21 8.94 2.66
N ALA B 149 16.27 8.58 1.96
CA ALA B 149 17.49 8.11 2.59
C ALA B 149 18.46 9.24 2.94
N GLY B 150 18.23 10.45 2.44
CA GLY B 150 19.11 11.57 2.75
C GLY B 150 18.36 12.74 3.37
N SER B 151 18.90 13.94 3.24
CA SER B 151 18.30 15.12 3.85
C SER B 151 17.28 15.80 2.95
N THR B 152 17.33 15.57 1.64
CA THR B 152 16.41 16.29 0.76
C THR B 152 15.09 15.52 0.66
N PRO B 153 13.94 16.16 0.85
CA PRO B 153 12.68 15.43 0.66
C PRO B 153 12.53 14.95 -0.79
N CYS B 154 11.86 13.81 -0.94
CA CYS B 154 11.72 13.19 -2.25
C CYS B 154 10.53 13.71 -3.04
N ASN B 155 9.44 14.13 -2.37
CA ASN B 155 8.22 14.58 -3.04
C ASN B 155 7.63 13.52 -3.99
N GLY B 156 7.76 12.26 -3.63
CA GLY B 156 7.24 11.19 -4.46
C GLY B 156 8.04 10.90 -5.71
N VAL B 157 9.27 11.42 -5.82
CA VAL B 157 10.08 11.30 -7.02
C VAL B 157 11.34 10.53 -6.69
N GLU B 158 11.62 9.51 -7.48
CA GLU B 158 12.86 8.74 -7.32
C GLU B 158 14.08 9.53 -7.79
N GLY B 159 15.21 9.25 -7.15
CA GLY B 159 16.43 9.99 -7.45
C GLY B 159 17.50 9.56 -6.47
N PHE B 160 18.57 10.35 -6.38
CA PHE B 160 19.63 10.02 -5.44
C PHE B 160 19.09 10.13 -4.02
N ASN B 161 19.31 9.08 -3.21
CA ASN B 161 18.80 9.00 -1.85
C ASN B 161 17.28 9.08 -1.77
N CYS B 162 16.59 8.76 -2.86
CA CYS B 162 15.12 8.80 -2.93
C CYS B 162 14.71 7.52 -3.68
N TYR B 163 14.43 6.46 -2.91
CA TYR B 163 14.36 5.09 -3.44
C TYR B 163 13.00 4.45 -3.33
N PHE B 164 12.59 3.82 -4.41
CA PHE B 164 11.43 2.94 -4.33
C PHE B 164 11.70 1.87 -3.27
N PRO B 165 10.75 1.57 -2.39
CA PRO B 165 11.09 0.81 -1.19
C PRO B 165 11.06 -0.71 -1.36
N LEU B 166 10.62 -1.23 -2.48
CA LEU B 166 10.46 -2.66 -2.70
C LEU B 166 11.46 -3.10 -3.76
N GLN B 167 11.98 -4.31 -3.59
CA GLN B 167 12.97 -4.91 -4.47
C GLN B 167 12.52 -6.32 -4.83
N SER B 168 12.78 -6.73 -6.07
CA SER B 168 12.50 -8.08 -6.52
C SER B 168 13.65 -9.01 -6.16
N TYR B 169 13.30 -10.22 -5.73
CA TYR B 169 14.31 -11.24 -5.49
C TYR B 169 14.96 -11.73 -6.79
N GLY B 170 14.21 -11.78 -7.88
CA GLY B 170 14.76 -12.23 -9.16
C GLY B 170 15.11 -13.71 -9.17
N PHE B 171 14.34 -14.53 -8.49
CA PHE B 171 14.69 -15.94 -8.32
C PHE B 171 14.97 -16.61 -9.65
N GLN B 172 16.12 -17.28 -9.73
CA GLN B 172 16.52 -18.07 -10.89
C GLN B 172 16.90 -19.47 -10.46
N PRO B 173 16.73 -20.45 -11.34
CA PRO B 173 17.00 -21.84 -10.92
C PRO B 173 18.46 -22.11 -10.62
N THR B 174 19.41 -21.36 -11.19
CA THR B 174 20.81 -21.59 -10.88
C THR B 174 21.24 -20.91 -9.58
N ASN B 175 20.32 -20.26 -8.87
CA ASN B 175 20.68 -19.67 -7.58
C ASN B 175 21.26 -20.72 -6.67
N GLY B 176 22.21 -20.30 -5.83
CA GLY B 176 22.63 -21.14 -4.73
C GLY B 176 21.52 -21.31 -3.71
N VAL B 177 21.64 -22.34 -2.87
CA VAL B 177 20.51 -22.76 -2.05
C VAL B 177 20.07 -21.66 -1.12
N GLY B 178 21.01 -20.94 -0.52
CA GLY B 178 20.65 -19.83 0.36
C GLY B 178 19.91 -18.72 -0.34
N TYR B 179 20.00 -18.63 -1.68
CA TYR B 179 19.29 -17.62 -2.45
C TYR B 179 18.07 -18.18 -3.15
N GLN B 180 17.76 -19.43 -2.99
CA GLN B 180 16.61 -20.03 -3.67
C GLN B 180 15.35 -19.69 -2.91
N PRO B 181 14.21 -19.66 -3.57
CA PRO B 181 12.96 -19.33 -2.86
C PRO B 181 12.53 -20.43 -1.92
N TYR B 182 12.02 -20.03 -0.77
CA TYR B 182 11.41 -20.92 0.20
C TYR B 182 10.01 -20.42 0.49
N ARG B 183 9.05 -21.34 0.49
CA ARG B 183 7.71 -21.04 0.94
C ARG B 183 7.63 -21.22 2.45
N VAL B 184 6.86 -20.37 3.10
CA VAL B 184 6.80 -20.35 4.55
C VAL B 184 5.33 -20.27 4.94
N VAL B 185 4.92 -21.10 5.91
CA VAL B 185 3.62 -21.02 6.53
C VAL B 185 3.87 -20.82 8.01
N VAL B 186 3.26 -19.77 8.58
CA VAL B 186 3.36 -19.54 10.02
C VAL B 186 1.99 -19.80 10.64
N LEU B 187 1.92 -20.78 11.54
CA LEU B 187 0.68 -21.10 12.23
C LEU B 187 0.69 -20.43 13.61
N SER B 188 -0.28 -19.57 13.86
CA SER B 188 -0.46 -18.93 15.16
C SER B 188 -1.61 -19.62 15.89
N PHE B 189 -1.37 -20.02 17.13
CA PHE B 189 -2.37 -20.74 17.94
C PHE B 189 -2.96 -19.76 18.94
N GLU B 190 -4.15 -19.28 18.66
CA GLU B 190 -4.79 -18.25 19.47
C GLU B 190 -5.60 -18.91 20.57
N LEU B 191 -5.43 -18.43 21.81
CA LEU B 191 -6.16 -18.92 22.98
C LEU B 191 -6.88 -17.77 23.63
N LEU B 192 -8.20 -17.75 23.50
CA LEU B 192 -9.06 -16.79 24.16
C LEU B 192 -9.90 -17.50 25.22
N HIS B 193 -10.45 -16.70 26.14
CA HIS B 193 -11.42 -17.19 27.12
C HIS B 193 -12.76 -17.38 26.41
N ALA B 194 -12.82 -18.43 25.60
CA ALA B 194 -13.98 -18.72 24.76
C ALA B 194 -13.94 -20.18 24.37
N PRO B 195 -15.02 -20.72 23.81
CA PRO B 195 -15.00 -22.13 23.40
C PRO B 195 -13.99 -22.35 22.28
N ALA B 196 -13.42 -23.54 22.24
CA ALA B 196 -12.42 -23.83 21.21
C ALA B 196 -13.13 -24.19 19.93
N THR B 197 -12.54 -23.78 18.79
CA THR B 197 -13.13 -24.15 17.50
C THR B 197 -12.18 -25.01 16.66
N VAL B 198 -10.92 -25.16 17.08
CA VAL B 198 -9.92 -25.94 16.34
C VAL B 198 -9.30 -26.93 17.31
N CYS B 199 -9.53 -28.21 17.08
CA CYS B 199 -9.05 -29.28 17.94
C CYS B 199 -8.32 -30.32 17.12
N GLY B 200 -7.41 -31.02 17.77
CA GLY B 200 -6.87 -32.24 17.20
C GLY B 200 -7.86 -33.36 17.31
N PRO B 201 -7.56 -34.46 16.61
CA PRO B 201 -8.51 -35.59 16.61
C PRO B 201 -8.76 -36.16 18.00
N LYS B 202 -7.89 -35.89 18.98
CA LYS B 202 -8.09 -36.38 20.35
C LYS B 202 -8.57 -35.29 21.31
N SER C 2 -18.78 27.35 -4.31
CA SER C 2 -19.31 26.43 -5.29
C SER C 2 -20.40 27.10 -6.11
N VAL C 3 -20.72 26.50 -7.26
CA VAL C 3 -21.78 26.99 -8.13
C VAL C 3 -22.72 25.83 -8.45
N ASN C 4 -24.01 26.03 -8.19
CA ASN C 4 -25.04 25.07 -8.56
C ASN C 4 -25.56 25.47 -9.93
N GLN C 5 -25.22 24.69 -10.95
CA GLN C 5 -25.62 24.97 -12.32
C GLN C 5 -26.73 24.00 -12.74
N THR C 6 -27.83 24.54 -13.23
CA THR C 6 -28.97 23.78 -13.68
C THR C 6 -29.45 24.33 -15.02
N PRO C 7 -29.97 23.48 -15.91
CA PRO C 7 -30.10 22.00 -15.77
C PRO C 7 -28.75 21.32 -16.08
N ARG C 8 -28.53 20.14 -15.53
CA ARG C 8 -27.29 19.42 -15.82
C ARG C 8 -27.27 18.91 -17.26
N THR C 9 -28.44 18.59 -17.80
CA THR C 9 -28.58 18.13 -19.18
C THR C 9 -29.85 18.74 -19.78
N ALA C 10 -29.87 18.85 -21.11
CA ALA C 10 -31.05 19.36 -21.78
C ALA C 10 -31.05 18.89 -23.22
N THR C 11 -32.25 18.65 -23.73
CA THR C 11 -32.47 18.36 -25.14
C THR C 11 -33.47 19.38 -25.67
N LYS C 12 -33.15 19.99 -26.81
CA LYS C 12 -33.98 21.02 -27.40
C LYS C 12 -34.15 20.76 -28.89
N GLU C 13 -35.24 21.28 -29.43
CA GLU C 13 -35.48 21.30 -30.86
C GLU C 13 -34.81 22.54 -31.48
N THR C 14 -34.49 22.45 -32.78
CA THR C 14 -33.97 23.61 -33.48
C THR C 14 -34.96 24.77 -33.38
N GLY C 15 -34.47 25.93 -32.98
CA GLY C 15 -35.28 27.12 -32.87
C GLY C 15 -35.71 27.45 -31.46
N GLU C 16 -35.61 26.49 -30.54
CA GLU C 16 -35.95 26.78 -29.15
C GLU C 16 -34.81 27.56 -28.49
N SER C 17 -34.98 27.89 -27.22
CA SER C 17 -33.96 28.53 -26.41
C SER C 17 -33.66 27.66 -25.20
N LEU C 18 -32.47 27.87 -24.63
CA LEU C 18 -32.02 27.21 -23.41
C LEU C 18 -31.66 28.26 -22.39
N THR C 19 -32.17 28.12 -21.17
CA THR C 19 -31.76 28.98 -20.06
C THR C 19 -30.99 28.14 -19.05
N ILE C 20 -29.79 28.60 -18.71
CA ILE C 20 -28.94 27.96 -17.71
C ILE C 20 -28.89 28.90 -16.52
N ASN C 21 -29.12 28.37 -15.32
CA ASN C 21 -29.07 29.14 -14.10
C ASN C 21 -27.89 28.67 -13.25
N CYS C 22 -27.14 29.62 -12.70
CA CYS C 22 -26.00 29.32 -11.83
C CYS C 22 -26.13 30.09 -10.53
N VAL C 23 -26.10 29.36 -9.41
CA VAL C 23 -26.27 29.94 -8.07
C VAL C 23 -24.98 29.73 -7.30
N VAL C 24 -24.43 30.82 -6.76
CA VAL C 24 -23.11 30.82 -6.16
C VAL C 24 -23.27 30.72 -4.65
N THR C 25 -22.57 29.79 -4.03
CA THR C 25 -22.70 29.53 -2.60
C THR C 25 -21.34 29.65 -1.91
N GLY C 26 -21.35 30.27 -0.74
CA GLY C 26 -20.15 30.35 0.07
C GLY C 26 -19.23 31.47 -0.31
N ALA C 27 -19.65 32.38 -1.20
CA ALA C 27 -18.79 33.47 -1.63
C ALA C 27 -18.65 34.48 -0.52
N ARG C 28 -17.39 34.78 -0.11
CA ARG C 28 -17.18 35.72 0.98
C ARG C 28 -17.73 37.09 0.63
N CYS C 29 -17.51 37.54 -0.60
CA CYS C 29 -17.88 38.87 -1.05
C CYS C 29 -18.97 38.76 -2.12
N GLY C 30 -19.19 39.85 -2.83
CA GLY C 30 -20.14 39.84 -3.93
C GLY C 30 -19.58 39.16 -5.17
N LEU C 31 -20.48 38.93 -6.11
CA LEU C 31 -20.15 38.45 -7.44
C LEU C 31 -19.45 39.54 -8.25
N SER C 32 -18.16 39.34 -8.50
CA SER C 32 -17.33 40.39 -9.10
C SER C 32 -17.10 40.18 -10.60
N ARG C 33 -17.47 39.04 -11.16
CA ARG C 33 -17.28 38.76 -12.57
C ARG C 33 -17.95 37.45 -12.91
N THR C 34 -18.46 37.36 -14.13
CA THR C 34 -18.97 36.09 -14.64
C THR C 34 -18.45 35.84 -16.06
N SER C 35 -18.36 34.57 -16.43
CA SER C 35 -18.01 34.20 -17.79
C SER C 35 -18.73 32.88 -18.11
N TRP C 36 -18.89 32.62 -19.39
CA TRP C 36 -19.48 31.39 -19.90
C TRP C 36 -18.56 30.77 -20.92
N PHE C 37 -18.44 29.43 -20.86
CA PHE C 37 -17.55 28.69 -21.74
C PHE C 37 -18.30 27.52 -22.36
N ARG C 38 -17.94 27.19 -23.58
CA ARG C 38 -18.48 25.96 -24.17
C ARG C 38 -17.34 25.05 -24.55
N LYS C 39 -17.57 23.76 -24.43
CA LYS C 39 -16.59 22.72 -24.74
C LYS C 39 -17.25 21.76 -25.72
N ASN C 40 -16.63 21.55 -26.87
CA ASN C 40 -17.12 20.48 -27.73
C ASN C 40 -16.45 19.16 -27.33
N PRO C 41 -17.17 18.05 -27.38
CA PRO C 41 -16.55 16.78 -26.99
C PRO C 41 -15.30 16.48 -27.81
N GLY C 42 -14.27 16.00 -27.15
CA GLY C 42 -13.04 15.63 -27.79
C GLY C 42 -11.98 16.72 -27.82
N THR C 43 -12.38 17.98 -27.66
CA THR C 43 -11.42 19.07 -27.75
C THR C 43 -10.74 19.28 -26.40
N THR C 44 -9.57 19.93 -26.46
CA THR C 44 -8.80 20.19 -25.24
C THR C 44 -9.30 21.42 -24.49
N ASP C 45 -9.48 22.53 -25.21
CA ASP C 45 -9.72 23.82 -24.58
C ASP C 45 -11.18 24.22 -24.60
N TRP C 46 -11.57 24.98 -23.59
CA TRP C 46 -12.89 25.62 -23.50
C TRP C 46 -12.87 26.92 -24.30
N GLU C 47 -14.02 27.26 -24.85
CA GLU C 47 -14.14 28.45 -25.69
C GLU C 47 -14.97 29.47 -24.92
N ARG C 48 -14.40 30.65 -24.71
CA ARG C 48 -15.10 31.69 -23.99
C ARG C 48 -16.20 32.24 -24.88
N MET C 49 -17.37 32.43 -24.30
CA MET C 49 -18.55 32.85 -25.03
C MET C 49 -18.69 34.36 -24.92
N SER C 50 -18.95 34.99 -26.07
CA SER C 50 -19.17 36.45 -26.10
C SER C 50 -20.67 36.75 -26.03
N ILE C 51 -21.05 37.51 -25.03
CA ILE C 51 -22.44 37.85 -24.77
C ILE C 51 -22.85 38.96 -25.71
N GLY C 52 -24.10 38.91 -26.19
CA GLY C 52 -24.59 40.05 -26.95
C GLY C 52 -25.43 39.75 -28.17
N GLY C 53 -25.31 38.54 -28.70
CA GLY C 53 -26.13 38.09 -29.82
C GLY C 53 -27.15 37.09 -29.32
N ARG C 54 -27.00 35.82 -29.73
CA ARG C 54 -27.86 34.75 -29.27
C ARG C 54 -27.60 34.42 -27.81
N TYR C 55 -26.43 34.79 -27.29
CA TYR C 55 -26.11 34.59 -25.88
C TYR C 55 -26.51 35.85 -25.11
N VAL C 56 -27.44 35.73 -24.18
CA VAL C 56 -27.88 36.85 -23.35
C VAL C 56 -27.74 36.47 -21.88
N GLU C 57 -27.10 37.34 -21.12
CA GLU C 57 -26.82 37.08 -19.70
C GLU C 57 -27.64 38.00 -18.80
N SER C 58 -28.01 37.45 -17.64
CA SER C 58 -28.64 38.24 -16.57
C SER C 58 -27.94 37.92 -15.27
N VAL C 59 -27.68 38.95 -14.48
CA VAL C 59 -26.97 38.81 -13.21
C VAL C 59 -27.85 39.36 -12.10
N ASN C 60 -28.04 38.57 -11.05
CA ASN C 60 -28.76 38.96 -9.84
C ASN C 60 -27.72 39.13 -8.72
N LYS C 61 -27.16 40.34 -8.62
CA LYS C 61 -26.06 40.55 -7.67
C LYS C 61 -26.49 40.21 -6.26
N GLY C 62 -27.71 40.58 -5.87
CA GLY C 62 -28.15 40.39 -4.50
C GLY C 62 -28.30 38.93 -4.12
N ALA C 63 -28.76 38.10 -5.05
CA ALA C 63 -28.88 36.67 -4.81
C ALA C 63 -27.58 35.92 -5.10
N LYS C 64 -26.55 36.61 -5.59
CA LYS C 64 -25.32 35.96 -6.03
C LYS C 64 -25.65 34.81 -6.99
N SER C 65 -26.44 35.14 -8.01
N SER C 65 -26.47 35.12 -7.99
CA SER C 65 -26.86 34.18 -9.02
CA SER C 65 -26.82 34.16 -9.02
C SER C 65 -26.85 34.89 -10.37
C SER C 65 -26.81 34.88 -10.37
N PHE C 66 -26.72 34.09 -11.44
CA PHE C 66 -26.69 34.64 -12.78
C PHE C 66 -27.12 33.57 -13.76
N SER C 67 -27.55 34.00 -14.93
CA SER C 67 -28.09 33.06 -15.92
C SER C 67 -27.73 33.46 -17.33
N LEU C 68 -27.77 32.48 -18.22
CA LEU C 68 -27.55 32.66 -19.65
C LEU C 68 -28.72 32.10 -20.41
N ARG C 69 -29.18 32.81 -21.42
CA ARG C 69 -30.18 32.29 -22.35
C ARG C 69 -29.56 32.25 -23.74
N ILE C 70 -29.64 31.09 -24.40
CA ILE C 70 -29.14 30.90 -25.76
C ILE C 70 -30.36 30.84 -26.67
N LYS C 71 -30.48 31.82 -27.55
CA LYS C 71 -31.61 31.93 -28.46
C LYS C 71 -31.34 31.12 -29.73
N ASP C 72 -32.42 30.74 -30.40
CA ASP C 72 -32.35 30.27 -31.78
C ASP C 72 -31.41 29.07 -31.90
N LEU C 73 -31.69 28.05 -31.09
CA LEU C 73 -30.78 26.91 -31.02
C LEU C 73 -30.64 26.22 -32.37
N THR C 74 -29.45 25.68 -32.62
CA THR C 74 -29.09 24.92 -33.80
C THR C 74 -28.34 23.66 -33.37
N VAL C 75 -28.25 22.67 -34.27
CA VAL C 75 -27.44 21.47 -33.97
C VAL C 75 -25.99 21.89 -33.69
N ALA C 76 -25.54 22.97 -34.31
CA ALA C 76 -24.19 23.50 -34.07
C ALA C 76 -23.99 23.93 -32.62
N ASP C 77 -25.06 24.08 -31.85
CA ASP C 77 -24.99 24.47 -30.45
C ASP C 77 -24.90 23.29 -29.50
N SER C 78 -25.09 22.06 -29.99
CA SER C 78 -24.88 20.90 -29.14
C SER C 78 -23.48 20.91 -28.58
N ALA C 79 -23.37 20.84 -27.25
CA ALA C 79 -22.08 21.02 -26.58
C ALA C 79 -22.29 20.99 -25.07
N THR C 80 -21.21 21.09 -24.31
CA THR C 80 -21.28 21.31 -22.87
C THR C 80 -20.95 22.77 -22.54
N TYR C 81 -21.79 23.35 -21.65
CA TYR C 81 -21.67 24.75 -21.27
C TYR C 81 -21.41 24.88 -19.78
N ILE C 82 -20.48 25.78 -19.44
CA ILE C 82 -19.96 25.98 -18.09
C ILE C 82 -20.08 27.45 -17.74
N CYS C 83 -20.56 27.74 -16.52
CA CYS C 83 -20.51 29.10 -16.00
C CYS C 83 -19.35 29.19 -15.03
N ARG C 84 -18.70 30.35 -14.98
CA ARG C 84 -17.59 30.63 -14.07
C ARG C 84 -17.92 31.91 -13.31
N ALA C 85 -17.81 31.87 -11.99
CA ALA C 85 -18.13 32.96 -11.09
C ALA C 85 -16.90 33.38 -10.33
N TRP C 86 -16.68 34.69 -10.23
CA TRP C 86 -15.62 35.27 -9.43
C TRP C 86 -16.22 35.99 -8.25
N SER C 87 -15.52 35.96 -7.12
CA SER C 87 -15.87 36.74 -5.94
C SER C 87 -14.59 37.23 -5.30
N ASP C 88 -14.45 38.54 -5.12
CA ASP C 88 -13.26 39.06 -4.49
C ASP C 88 -13.60 40.38 -3.82
N THR C 89 -12.61 40.94 -3.12
CA THR C 89 -12.84 42.12 -2.26
C THR C 89 -13.20 43.39 -3.04
N SER C 90 -13.24 43.34 -4.37
CA SER C 90 -13.69 44.51 -5.13
C SER C 90 -15.20 44.73 -4.96
N GLN C 91 -15.97 43.68 -4.66
CA GLN C 91 -17.40 43.81 -4.41
C GLN C 91 -17.62 44.03 -2.92
N LYS C 92 -18.22 45.19 -2.58
CA LYS C 92 -18.01 45.80 -1.27
C LYS C 92 -18.48 44.96 -0.09
N PRO C 93 -19.71 44.42 -0.06
CA PRO C 93 -20.15 43.69 1.15
C PRO C 93 -19.54 42.30 1.27
N CYS C 94 -18.57 42.14 2.18
CA CYS C 94 -17.90 40.87 2.43
C CYS C 94 -18.19 40.34 3.83
N HIS C 95 -18.29 39.01 3.94
CA HIS C 95 -18.45 38.35 5.23
C HIS C 95 -17.10 38.19 5.93
N ALA C 96 -17.15 38.05 7.25
CA ALA C 96 -15.96 37.85 8.05
C ALA C 96 -15.26 36.55 7.63
N TRP C 97 -14.00 36.43 8.05
CA TRP C 97 -13.22 35.28 7.66
C TRP C 97 -13.53 34.06 8.51
N GLU C 98 -13.95 34.25 9.76
CA GLU C 98 -14.34 33.12 10.60
C GLU C 98 -15.48 32.31 9.98
N GLN C 99 -16.14 32.82 8.94
CA GLN C 99 -17.26 32.14 8.31
C GLN C 99 -16.83 31.06 7.32
N LYS C 100 -15.53 30.90 7.08
CA LYS C 100 -15.01 29.84 6.21
C LYS C 100 -15.59 29.93 4.80
N MET C 101 -15.74 31.14 4.29
CA MET C 101 -16.19 31.40 2.94
C MET C 101 -15.02 31.81 2.06
N TRP C 102 -15.22 31.78 0.75
CA TRP C 102 -14.12 31.85 -0.19
C TRP C 102 -14.14 33.13 -1.03
N GLU C 103 -12.94 33.53 -1.45
CA GLU C 103 -12.74 34.46 -2.56
C GLU C 103 -12.04 33.71 -3.68
N GLY C 104 -12.32 34.08 -4.91
CA GLY C 104 -11.65 33.46 -6.04
C GLY C 104 -12.62 33.20 -7.17
N HIS C 105 -12.47 32.08 -7.87
CA HIS C 105 -13.44 31.74 -8.90
C HIS C 105 -13.69 30.23 -8.88
N VAL C 106 -14.88 29.85 -9.30
CA VAL C 106 -15.26 28.44 -9.38
C VAL C 106 -16.29 28.27 -10.49
N ASP C 107 -16.35 27.05 -11.03
CA ASP C 107 -17.18 26.71 -12.18
C ASP C 107 -18.38 25.86 -11.77
N GLY C 108 -19.50 26.06 -12.46
CA GLY C 108 -20.57 25.11 -12.39
C GLY C 108 -20.17 23.75 -12.95
N ALA C 109 -20.98 22.74 -12.66
CA ALA C 109 -20.65 21.39 -13.10
C ALA C 109 -20.99 21.12 -14.57
N GLY C 110 -21.69 22.03 -15.23
CA GLY C 110 -21.87 21.92 -16.67
C GLY C 110 -23.30 21.54 -17.07
N THR C 111 -23.69 22.01 -18.26
CA THR C 111 -24.95 21.68 -18.90
C THR C 111 -24.63 20.98 -20.22
N VAL C 112 -24.99 19.71 -20.35
CA VAL C 112 -24.82 18.98 -21.60
C VAL C 112 -26.07 19.21 -22.45
N LEU C 113 -25.95 20.03 -23.49
CA LEU C 113 -27.05 20.39 -24.36
C LEU C 113 -27.02 19.54 -25.63
N THR C 114 -28.14 18.93 -25.97
CA THR C 114 -28.33 18.27 -27.25
C THR C 114 -29.42 18.98 -28.02
N VAL C 115 -29.12 19.38 -29.26
CA VAL C 115 -30.09 20.04 -30.13
C VAL C 115 -30.39 19.11 -31.30
N ASN C 116 -31.65 18.74 -31.46
CA ASN C 116 -32.06 17.87 -32.55
C ASN C 116 -32.21 18.64 -33.85
N GLN C 117 -31.99 17.95 -34.97
CA GLN C 117 -32.13 18.54 -36.29
C GLN C 117 -33.55 19.01 -36.53
N ALA C 118 -33.70 20.00 -37.41
CA ALA C 118 -35.02 20.47 -37.79
C ALA C 118 -35.71 19.44 -38.68
N SER C 119 -36.97 19.71 -38.99
CA SER C 119 -37.78 18.81 -39.83
C SER C 119 -37.84 17.42 -39.22
N SER D 2 18.34 -24.01 14.65
CA SER D 2 19.07 -24.09 13.39
C SER D 2 20.18 -25.12 13.50
N VAL D 3 20.69 -25.56 12.36
CA VAL D 3 21.74 -26.56 12.30
C VAL D 3 22.88 -26.03 11.45
N ASN D 4 24.08 -26.00 12.01
CA ASN D 4 25.29 -25.65 11.27
C ASN D 4 25.93 -26.94 10.77
N GLN D 5 25.85 -27.17 9.47
CA GLN D 5 26.36 -28.39 8.85
C GLN D 5 27.66 -28.09 8.12
N THR D 6 28.71 -28.86 8.43
CA THR D 6 30.02 -28.68 7.82
C THR D 6 30.58 -30.04 7.39
N PRO D 7 31.34 -30.10 6.30
CA PRO D 7 31.67 -28.96 5.42
C PRO D 7 30.54 -28.69 4.43
N ARG D 8 30.44 -27.45 3.97
CA ARG D 8 29.42 -27.09 2.98
C ARG D 8 29.71 -27.71 1.62
N THR D 9 30.98 -27.97 1.32
CA THR D 9 31.40 -28.61 0.08
C THR D 9 32.59 -29.52 0.39
N ALA D 10 32.77 -30.53 -0.45
CA ALA D 10 33.92 -31.41 -0.30
C ALA D 10 34.16 -32.11 -1.62
N THR D 11 35.43 -32.38 -1.89
CA THR D 11 35.83 -33.22 -3.01
C THR D 11 36.68 -34.36 -2.47
N LYS D 12 36.36 -35.59 -2.88
CA LYS D 12 37.08 -36.76 -2.44
C LYS D 12 37.39 -37.66 -3.63
N GLU D 13 38.42 -38.50 -3.47
CA GLU D 13 38.71 -39.54 -4.43
C GLU D 13 37.87 -40.79 -4.15
N THR D 14 37.66 -41.60 -5.19
CA THR D 14 37.02 -42.89 -4.98
C THR D 14 37.81 -43.64 -3.92
N GLY D 15 37.11 -44.14 -2.88
CA GLY D 15 37.74 -44.89 -1.84
C GLY D 15 38.00 -44.13 -0.56
N GLU D 16 37.94 -42.81 -0.58
CA GLU D 16 38.12 -42.01 0.62
C GLU D 16 36.85 -42.01 1.46
N SER D 17 36.89 -41.26 2.56
CA SER D 17 35.77 -41.09 3.47
C SER D 17 35.35 -39.63 3.52
N LEU D 18 34.10 -39.39 3.85
CA LEU D 18 33.59 -38.04 4.08
C LEU D 18 32.97 -38.01 5.46
N THR D 19 33.33 -37.02 6.27
CA THR D 19 32.67 -36.81 7.55
C THR D 19 31.93 -35.48 7.52
N ILE D 20 30.63 -35.52 7.80
CA ILE D 20 29.78 -34.34 7.90
C ILE D 20 29.42 -34.16 9.36
N ASN D 21 29.55 -32.93 9.86
CA ASN D 21 29.21 -32.59 11.23
C ASN D 21 28.06 -31.60 11.25
N CYS D 22 27.11 -31.82 12.16
CA CYS D 22 25.95 -30.94 12.32
C CYS D 22 25.81 -30.58 13.79
N VAL D 23 25.74 -29.29 14.09
CA VAL D 23 25.59 -28.78 15.45
C VAL D 23 24.30 -28.00 15.56
N VAL D 24 23.48 -28.34 16.55
CA VAL D 24 22.13 -27.83 16.68
C VAL D 24 22.12 -26.72 17.71
N THR D 25 21.49 -25.61 17.38
CA THR D 25 21.45 -24.43 18.25
C THR D 25 20.00 -24.03 18.49
N GLY D 26 19.71 -23.66 19.74
CA GLY D 26 18.42 -23.10 20.08
C GLY D 26 17.34 -24.11 20.39
N ALA D 27 17.68 -25.39 20.48
CA ALA D 27 16.70 -26.43 20.74
C ALA D 27 16.25 -26.37 22.20
N ARG D 28 14.95 -26.22 22.43
CA ARG D 28 14.44 -26.13 23.79
C ARG D 28 14.76 -27.38 24.59
N CYS D 29 14.62 -28.54 23.98
CA CYS D 29 14.82 -29.81 24.64
C CYS D 29 16.09 -30.47 24.09
N GLY D 30 16.26 -31.74 24.40
CA GLY D 30 17.40 -32.45 23.88
C GLY D 30 17.24 -32.83 22.43
N LEU D 31 18.34 -33.28 21.84
CA LEU D 31 18.33 -33.88 20.52
C LEU D 31 17.61 -35.22 20.61
N SER D 32 16.39 -35.29 20.05
CA SER D 32 15.53 -36.46 20.25
C SER D 32 15.51 -37.42 19.06
N ARG D 33 16.11 -37.05 17.94
CA ARG D 33 16.10 -37.89 16.75
C ARG D 33 17.01 -37.23 15.71
N THR D 34 17.67 -38.03 14.87
CA THR D 34 18.46 -37.53 13.76
C THR D 34 18.15 -38.34 12.51
N SER D 35 18.34 -37.71 11.36
CA SER D 35 18.21 -38.41 10.08
C SER D 35 19.14 -37.77 9.08
N TRP D 36 19.49 -38.54 8.06
CA TRP D 36 20.33 -38.05 6.97
C TRP D 36 19.64 -38.34 5.65
N PHE D 37 19.75 -37.38 4.74
CA PHE D 37 19.15 -37.47 3.43
C PHE D 37 20.19 -37.18 2.36
N ARG D 38 20.06 -37.86 1.23
CA ARG D 38 20.90 -37.62 0.07
C ARG D 38 20.03 -37.17 -1.10
N LYS D 39 20.64 -36.37 -1.99
CA LYS D 39 19.98 -35.78 -3.17
C LYS D 39 20.53 -36.42 -4.43
N ASN D 40 19.63 -36.94 -5.25
CA ASN D 40 20.05 -37.52 -6.52
C ASN D 40 20.37 -36.40 -7.50
N PRO D 41 21.58 -36.37 -8.09
CA PRO D 41 21.99 -35.28 -8.98
C PRO D 41 21.22 -35.23 -10.29
N THR D 43 18.43 -33.43 -8.87
CA THR D 43 17.12 -33.70 -9.47
C THR D 43 15.99 -33.33 -8.51
N THR D 44 16.36 -32.70 -7.39
CA THR D 44 15.43 -32.29 -6.34
C THR D 44 14.67 -33.48 -5.73
N ASP D 45 15.27 -34.67 -5.76
CA ASP D 45 14.71 -35.87 -5.15
C ASP D 45 15.63 -36.31 -4.02
N TRP D 46 15.08 -36.39 -2.80
CA TRP D 46 15.89 -36.72 -1.62
C TRP D 46 15.57 -38.13 -1.10
N GLU D 47 16.62 -38.84 -0.69
CA GLU D 47 16.52 -40.22 -0.21
C GLU D 47 16.98 -40.31 1.24
N ARG D 48 16.11 -40.80 2.12
CA ARG D 48 16.49 -41.02 3.50
C ARG D 48 17.53 -42.15 3.57
N MET D 49 18.57 -41.94 4.36
CA MET D 49 19.71 -42.84 4.43
C MET D 49 19.59 -43.77 5.62
N SER D 50 19.78 -45.07 5.39
CA SER D 50 19.78 -46.05 6.47
C SER D 50 21.19 -46.17 7.02
N ILE D 51 21.32 -46.00 8.32
CA ILE D 51 22.64 -46.11 8.96
C ILE D 51 23.04 -47.58 9.11
N GLY D 52 24.33 -47.86 8.91
CA GLY D 52 24.89 -49.19 9.00
C GLY D 52 25.83 -49.38 7.82
N GLY D 53 26.80 -50.24 7.99
CA GLY D 53 27.74 -50.47 6.90
C GLY D 53 28.54 -49.21 6.54
N ARG D 54 28.43 -48.73 5.29
CA ARG D 54 29.25 -47.60 4.84
C ARG D 54 28.85 -46.27 5.47
N TYR D 55 27.61 -46.13 5.89
CA TYR D 55 27.15 -44.93 6.56
C TYR D 55 27.27 -45.14 8.07
N VAL D 56 28.10 -44.34 8.74
CA VAL D 56 28.30 -44.45 10.18
C VAL D 56 27.96 -43.11 10.84
N GLU D 57 27.08 -43.17 11.82
CA GLU D 57 26.62 -41.99 12.54
C GLU D 57 27.11 -42.02 13.98
N SER D 58 27.41 -40.84 14.52
CA SER D 58 27.70 -40.66 15.93
C SER D 58 26.91 -39.44 16.43
N VAL D 59 26.28 -39.60 17.59
CA VAL D 59 25.45 -38.55 18.16
C VAL D 59 26.03 -38.15 19.51
N ASN D 60 26.23 -36.87 19.69
CA ASN D 60 26.70 -36.29 20.95
C ASN D 60 25.52 -35.57 21.62
N LYS D 61 24.74 -36.32 22.40
CA LYS D 61 23.53 -35.75 23.00
C LYS D 61 23.86 -34.54 23.86
N GLY D 62 24.96 -34.62 24.63
CA GLY D 62 25.27 -33.53 25.55
C GLY D 62 25.63 -32.25 24.83
N ALA D 63 26.33 -32.36 23.70
CA ALA D 63 26.67 -31.20 22.89
C ALA D 63 25.60 -30.81 21.87
N LYS D 64 24.54 -31.62 21.72
CA LYS D 64 23.54 -31.43 20.68
C LYS D 64 24.21 -31.28 19.31
N SER D 65 25.11 -32.21 19.01
CA SER D 65 25.75 -32.28 17.70
C SER D 65 25.79 -33.74 17.28
N PHE D 66 25.87 -33.96 15.97
CA PHE D 66 25.92 -35.30 15.43
C PHE D 66 26.64 -35.27 14.09
N SER D 67 27.17 -36.42 13.68
CA SER D 67 27.98 -36.50 12.47
C SER D 67 27.69 -37.79 11.69
N LEU D 68 27.99 -37.72 10.40
CA LEU D 68 27.89 -38.87 9.52
C LEU D 68 29.23 -39.04 8.85
N ARG D 69 29.72 -40.27 8.78
CA ARG D 69 30.89 -40.61 7.97
C ARG D 69 30.46 -41.63 6.93
N ILE D 70 30.78 -41.35 5.68
CA ILE D 70 30.50 -42.23 4.54
C ILE D 70 31.83 -42.82 4.10
N LYS D 71 31.97 -44.14 4.23
CA LYS D 71 33.16 -44.87 3.84
C LYS D 71 33.11 -45.29 2.37
N ASP D 72 34.30 -45.54 1.82
CA ASP D 72 34.43 -46.20 0.52
C ASP D 72 33.69 -45.44 -0.57
N LEU D 73 33.98 -44.13 -0.65
CA LEU D 73 33.24 -43.28 -1.56
C LEU D 73 33.42 -43.71 -3.01
N THR D 74 32.36 -43.55 -3.80
CA THR D 74 32.34 -43.82 -5.23
C THR D 74 31.70 -42.65 -5.94
N VAL D 75 31.83 -42.63 -7.28
CA VAL D 75 31.19 -41.59 -8.07
C VAL D 75 29.68 -41.59 -7.87
N ALA D 76 29.07 -42.77 -7.66
CA ALA D 76 27.64 -42.80 -7.37
C ALA D 76 27.27 -42.11 -6.08
N ASP D 77 28.25 -41.78 -5.22
CA ASP D 77 27.98 -41.08 -3.97
C ASP D 77 28.03 -39.56 -4.12
N SER D 78 28.48 -39.05 -5.28
CA SER D 78 28.39 -37.62 -5.53
C SER D 78 26.94 -37.19 -5.40
N ALA D 79 26.70 -36.20 -4.55
CA ALA D 79 25.34 -35.82 -4.20
C ALA D 79 25.39 -34.68 -3.19
N THR D 80 24.22 -34.20 -2.80
CA THR D 80 24.11 -33.27 -1.67
C THR D 80 23.50 -34.06 -0.52
N TYR D 81 24.09 -33.91 0.66
CA TYR D 81 23.66 -34.65 1.83
C TYR D 81 23.18 -33.64 2.87
N ILE D 82 22.07 -33.98 3.52
CA ILE D 82 21.38 -33.09 4.46
C ILE D 82 21.18 -33.85 5.76
N CYS D 83 21.49 -33.20 6.89
CA CYS D 83 21.14 -33.73 8.21
C CYS D 83 19.86 -33.07 8.68
N ARG D 84 19.04 -33.85 9.38
CA ARG D 84 17.80 -33.39 9.98
C ARG D 84 17.86 -33.70 11.46
N ALA D 85 17.61 -32.67 12.28
CA ALA D 85 17.66 -32.77 13.73
C ALA D 85 16.28 -32.52 14.31
N TRP D 86 15.88 -33.37 15.25
CA TRP D 86 14.64 -33.19 16.00
C TRP D 86 14.93 -32.81 17.45
N SER D 87 14.06 -31.98 18.02
CA SER D 87 14.09 -31.69 19.45
C SER D 87 12.66 -31.56 19.95
N ASP D 88 12.26 -32.42 20.89
CA ASP D 88 10.94 -32.29 21.49
C ASP D 88 10.96 -32.90 22.89
N THR D 89 9.83 -32.76 23.59
CA THR D 89 9.75 -33.04 25.01
C THR D 89 9.99 -34.50 25.37
N SER D 90 10.26 -35.38 24.41
CA SER D 90 10.64 -36.75 24.76
C SER D 90 12.01 -36.78 25.42
N GLN D 91 12.87 -35.81 25.12
CA GLN D 91 14.18 -35.71 25.76
C GLN D 91 14.07 -34.84 27.01
N LYS D 92 14.41 -35.42 28.16
CA LYS D 92 13.90 -34.92 29.44
C LYS D 92 14.28 -33.48 29.72
N PRO D 93 15.54 -33.06 29.61
CA PRO D 93 15.87 -31.67 29.97
C PRO D 93 15.43 -30.67 28.93
N CYS D 94 14.34 -29.96 29.19
CA CYS D 94 13.87 -28.89 28.32
C CYS D 94 14.05 -27.56 29.06
N HIS D 95 14.47 -26.55 28.33
CA HIS D 95 14.60 -25.19 28.85
C HIS D 95 13.27 -24.47 28.81
N ALA D 96 13.15 -23.43 29.63
CA ALA D 96 11.94 -22.64 29.65
C ALA D 96 11.64 -22.06 28.27
N TRP D 97 10.40 -21.60 28.10
CA TRP D 97 9.93 -21.08 26.82
C TRP D 97 10.32 -19.63 26.61
N GLU D 98 10.42 -18.85 27.69
CA GLU D 98 10.76 -17.43 27.56
C GLU D 98 12.07 -17.20 26.81
N GLN D 99 12.87 -18.24 26.60
CA GLN D 99 14.15 -18.10 25.92
C GLN D 99 13.99 -18.07 24.39
N LYS D 100 12.77 -18.20 23.88
CA LYS D 100 12.54 -18.15 22.43
C LYS D 100 13.31 -19.26 21.72
N MET D 101 13.32 -20.43 22.32
CA MET D 101 13.90 -21.64 21.75
C MET D 101 12.80 -22.48 21.16
N TRP D 102 13.18 -23.46 20.34
CA TRP D 102 12.24 -24.16 19.49
C TRP D 102 12.18 -25.65 19.80
N GLU D 103 11.02 -26.23 19.52
CA GLU D 103 10.84 -27.66 19.38
C GLU D 103 10.43 -27.94 17.96
N GLY D 104 10.84 -29.09 17.46
CA GLY D 104 10.49 -29.48 16.12
C GLY D 104 11.67 -30.11 15.42
N HIS D 105 11.84 -29.84 14.12
CA HIS D 105 13.01 -30.34 13.39
C HIS D 105 13.45 -29.28 12.39
N VAL D 106 14.75 -29.31 12.07
CA VAL D 106 15.33 -28.36 11.12
C VAL D 106 16.49 -29.05 10.41
N ASP D 107 16.79 -28.60 9.21
CA ASP D 107 17.84 -29.21 8.41
C ASP D 107 19.09 -28.35 8.38
N GLY D 108 20.24 -29.02 8.32
CA GLY D 108 21.45 -28.33 7.92
C GLY D 108 21.39 -27.84 6.49
N ALA D 109 22.31 -26.94 6.14
CA ALA D 109 22.29 -26.31 4.82
C ALA D 109 22.86 -27.20 3.73
N GLY D 110 23.46 -28.33 4.05
CA GLY D 110 23.82 -29.29 3.02
C GLY D 110 25.32 -29.37 2.81
N THR D 111 25.77 -30.56 2.41
CA THR D 111 27.14 -30.82 2.01
C THR D 111 27.14 -31.29 0.57
N VAL D 112 27.76 -30.50 -0.32
CA VAL D 112 27.88 -30.87 -1.74
C VAL D 112 29.17 -31.66 -1.92
N LEU D 113 29.04 -32.99 -2.08
CA LEU D 113 30.17 -33.88 -2.27
C LEU D 113 30.37 -34.19 -3.74
N THR D 114 31.62 -34.09 -4.19
CA THR D 114 32.04 -34.57 -5.51
C THR D 114 33.10 -35.65 -5.32
N VAL D 115 32.92 -36.79 -5.99
CA VAL D 115 33.84 -37.92 -5.91
C VAL D 115 34.56 -38.02 -7.26
N ASN D 116 35.89 -37.87 -7.25
CA ASN D 116 36.69 -37.89 -8.47
C ASN D 116 37.60 -39.12 -8.51
N GLN D 117 37.85 -39.60 -9.73
CA GLN D 117 38.65 -40.81 -9.94
C GLN D 117 38.85 -41.00 -11.45
C1 NAG E . 2.62 23.91 -16.55
C2 NAG E . 3.01 25.33 -16.11
C3 NAG E . 2.43 26.39 -17.04
C4 NAG E . 2.75 26.08 -18.50
C5 NAG E . 2.24 24.68 -18.82
C6 NAG E . 2.50 24.25 -20.25
C7 NAG E . 3.38 26.03 -13.78
C8 NAG E . 2.75 26.22 -12.43
N2 NAG E . 2.58 25.58 -14.74
O3 NAG E . 2.97 27.65 -16.66
O4 NAG E . 2.10 27.02 -19.36
O5 NAG E . 2.90 23.73 -17.96
O6 NAG E . 3.67 23.46 -20.37
O7 NAG E . 4.57 26.28 -13.99
H1 NAG E . 1.66 23.79 -16.39
H2 NAG E . 3.99 25.39 -16.17
H3 NAG E . 1.46 26.39 -16.96
H4 NAG E . 3.71 26.14 -18.66
H5 NAG E . 1.28 24.64 -18.66
H61 NAG E . 2.60 25.05 -20.80
H62 NAG E . 1.73 23.74 -20.57
H81 NAG E . 2.79 27.17 -12.19
H82 NAG E . 1.81 25.93 -12.47
H83 NAG E . 3.23 25.70 -11.77
HN2 NAG E . 1.70 25.43 -14.54
HO3 NAG E . 3.63 27.86 -17.21
C1 NAG E . 3.01 27.70 -20.27
C2 NAG E . 2.20 28.08 -21.52
C3 NAG E . 3.07 28.84 -22.52
C4 NAG E . 3.71 30.04 -21.84
C5 NAG E . 4.48 29.59 -20.61
C6 NAG E . 5.08 30.74 -19.83
C7 NAG E . 0.34 26.54 -21.96
C8 NAG E . -0.10 25.30 -22.68
N2 NAG E . 1.62 26.91 -22.15
O3 NAG E . 2.28 29.27 -23.62
O4 NAG E . 4.59 30.71 -22.74
O5 NAG E . 3.61 28.88 -19.70
O6 NAG E . 5.27 31.89 -20.66
O7 NAG E . -0.42 27.17 -21.24
H1 NAG E . 3.74 27.10 -20.50
H2 NAG E . 1.48 28.67 -21.24
H3 NAG E . 3.77 28.25 -22.84
H4 NAG E . 3.02 30.68 -21.57
H5 NAG E . 5.20 28.98 -20.88
H61 NAG E . 5.94 30.47 -19.47
H62 NAG E . 4.48 30.98 -19.09
H81 NAG E . -1.03 25.10 -22.46
H82 NAG E . 0.47 24.55 -22.41
H83 NAG E . -0.02 25.43 -23.64
HN2 NAG E . 2.14 26.40 -22.70
HO3 NAG E . 1.69 29.87 -23.35
HO4 NAG E . 4.82 31.49 -22.40
HO6 NAG E . 4.71 32.54 -20.40
C1 FUC E . 4.18 23.54 -21.71
C2 FUC E . 5.53 24.27 -21.65
C3 FUC E . 6.49 23.47 -20.76
C4 FUC E . 6.65 22.04 -21.31
C5 FUC E . 5.28 21.38 -21.56
C6 FUC E . 5.37 20.11 -22.41
O2 FUC E . 5.41 25.61 -21.22
O3 FUC E . 7.77 24.08 -20.74
O4 FUC E . 7.41 22.07 -22.51
O5 FUC E . 4.36 22.25 -22.26
H1 FUC E . 3.47 24.06 -22.35
H2 FUC E . 5.94 24.33 -22.66
H3 FUC E . 6.08 23.42 -19.74
H4 FUC E . 7.16 21.43 -20.54
H5 FUC E . 4.86 21.17 -20.58
H61 FUC E . 4.37 19.70 -22.58
H62 FUC E . 5.83 20.34 -23.39
H63 FUC E . 5.99 19.37 -21.90
HO2 FUC E . 6.28 26.01 -21.38
HO3 FUC E . 7.64 24.95 -20.33
HO4 FUC E . 7.87 21.22 -22.54
C1 NAG F . -0.45 -31.11 -0.63
C2 NAG F . -1.11 -31.80 0.56
C3 NAG F . -0.46 -33.16 0.83
C4 NAG F . -0.43 -34.02 -0.43
C5 NAG F . 0.25 -33.25 -1.56
C6 NAG F . 0.21 -33.98 -2.88
C7 NAG F . -2.03 -30.78 2.60
C8 NAG F . -1.75 -29.90 3.78
N2 NAG F . -1.01 -30.96 1.75
O3 NAG F . -1.18 -33.83 1.85
O4 NAG F . 0.29 -35.22 -0.17
O5 NAG F . -0.44 -32.00 -1.77
O6 NAG F . -0.97 -33.68 -3.61
O7 NAG F . -3.13 -31.30 2.43
H1 NAG F . 0.47 -30.88 -0.40
H2 NAG F . -2.05 -31.95 0.35
H3 NAG F . 0.46 -33.02 1.11
H4 NAG F . -1.34 -34.25 -0.70
H5 NAG F . 1.17 -33.06 -1.32
H61 NAG F . 1.00 -33.73 -3.41
H62 NAG F . 0.25 -34.94 -2.71
H81 NAG F . -2.54 -29.86 4.37
H82 NAG F . -1.53 -29.00 3.48
H83 NAG F . -1.00 -30.27 4.29
HN2 NAG F . -0.23 -30.55 1.93
HO3 NAG F . -2.05 -33.86 1.66
C1 NAG F . -0.34 -36.44 -0.64
C2 NAG F . 0.78 -37.48 -0.79
C3 NAG F . 0.20 -38.82 -1.25
C4 NAG F . -0.93 -39.26 -0.33
C5 NAG F . -1.98 -38.15 -0.23
C6 NAG F . -3.09 -38.47 0.74
C7 NAG F . 2.84 -36.26 -1.37
C8 NAG F . 3.79 -35.88 -2.47
N2 NAG F . 1.80 -37.03 -1.73
O3 NAG F . 1.23 -39.81 -1.25
O4 NAG F . -1.54 -40.45 -0.82
O5 NAG F . -1.36 -36.94 0.24
O6 NAG F . -4.07 -37.42 0.74
O7 NAG F . 3.00 -35.89 -0.21
H1 NAG F . -0.79 -36.26 -1.49
H2 NAG F . 1.19 -37.61 0.08
H3 NAG F . -0.15 -38.73 -2.15
H4 NAG F . -0.59 -39.44 0.57
H5 NAG F . -2.35 -37.99 -1.11
H61 NAG F . -3.53 -39.30 0.47
H62 NAG F . -2.73 -38.56 1.64
H81 NAG F . 4.52 -35.38 -2.10
H82 NAG F . 4.13 -36.69 -2.89
H83 NAG F . 3.32 -35.34 -3.13
HN2 NAG F . 1.72 -37.28 -2.60
HO3 NAG F . 0.89 -40.59 -1.50
HO4 NAG F . -1.77 -40.34 -1.66
HO6 NAG F . -4.83 -37.74 1.08
C1 FUC F . -1.42 -34.77 -4.43
C2 FUC F . -2.84 -35.14 -4.02
C3 FUC F . -3.72 -33.89 -4.08
C4 FUC F . -3.59 -33.13 -5.44
C5 FUC F . -2.16 -33.17 -6.04
C6 FUC F . -2.17 -33.00 -7.57
O2 FUC F . -2.89 -35.75 -2.72
O3 FUC F . -5.10 -34.26 -3.93
O4 FUC F . -4.53 -33.64 -6.37
O5 FUC F . -1.43 -34.40 -5.78
H1 FUC F . -0.72 -35.61 -4.32
H2 FUC F . -3.23 -35.89 -4.71
H3 FUC F . -3.37 -33.21 -3.30
H4 FUC F . -3.78 -32.07 -5.21
H5 FUC F . -1.60 -32.37 -5.55
H61 FUC F . -1.14 -32.93 -7.95
H62 FUC F . -2.70 -32.08 -7.84
H63 FUC F . -2.66 -33.85 -8.05
HO2 FUC F . -2.49 -36.62 -2.84
HO3 FUC F . -5.26 -34.34 -2.97
HO4 FUC F . -4.84 -32.88 -6.88
C1 EDO G . -1.49 28.18 7.40
O1 EDO G . -1.28 27.99 8.80
C2 EDO G . -2.55 27.17 6.91
O2 EDO G . -3.79 27.39 7.58
H11 EDO G . -0.55 28.03 6.86
H12 EDO G . -1.83 29.20 7.21
HO1 EDO G . -0.65 28.65 9.13
H21 EDO G . -2.68 27.27 5.83
H22 EDO G . -2.20 26.15 7.10
HO2 EDO G . -4.40 26.67 7.40
C1 EDO H . -1.99 22.10 -14.72
O1 EDO H . -0.77 22.87 -14.77
C2 EDO H . -3.01 22.78 -15.60
O2 EDO H . -3.64 21.83 -16.44
H11 EDO H . -1.79 21.08 -15.08
H12 EDO H . -2.35 22.04 -13.69
HO1 EDO H . -0.02 22.31 -14.49
H21 EDO H . -3.75 23.28 -14.97
H22 EDO H . -2.52 23.55 -16.21
HO2 EDO H . -4.26 22.27 -17.02
C1 EDO I . -0.18 6.56 -9.66
O1 EDO I . 0.69 7.63 -10.07
C2 EDO I . -1.13 7.06 -8.57
O2 EDO I . -0.39 7.72 -7.53
H11 EDO I . -0.76 6.20 -10.51
H12 EDO I . 0.41 5.72 -9.28
HO1 EDO I . 0.84 7.58 -11.02
H21 EDO I . -1.86 7.74 -9.00
H22 EDO I . -1.68 6.21 -8.14
HO2 EDO I . -0.99 8.23 -6.97
C1 EDO J . 5.12 -29.09 0.41
O1 EDO J . 6.04 -29.59 -0.59
C2 EDO J . 3.71 -29.14 -0.14
O2 EDO J . 2.79 -28.69 0.85
H11 EDO J . 5.18 -29.71 1.31
H12 EDO J . 5.38 -28.07 0.68
HO1 EDO J . 6.95 -29.55 -0.25
H21 EDO J . 3.45 -30.17 -0.43
H22 EDO J . 3.63 -28.52 -1.03
HO2 EDO J . 1.89 -28.78 0.53
C1 EDO K . 0.75 -15.98 18.52
O1 EDO K . 1.41 -15.44 19.67
C2 EDO K . -0.41 -16.87 18.96
O2 EDO K . -1.35 -16.10 19.71
H11 EDO K . 1.46 -16.55 17.93
H12 EDO K . 0.38 -15.16 17.91
HO1 EDO K . 2.02 -14.74 19.40
H21 EDO K . -0.89 -17.31 18.08
H22 EDO K . -0.03 -17.70 19.57
HO2 EDO K . -2.06 -16.68 20.02
C1 EDO L . -2.44 -13.98 16.01
O1 EDO L . -2.33 -12.70 15.36
C2 EDO L . -3.43 -13.86 17.16
O2 EDO L . -3.19 -14.91 18.09
H11 EDO L . -2.78 -14.73 15.29
H12 EDO L . -1.47 -14.30 16.39
HO1 EDO L . -1.55 -12.69 14.78
H21 EDO L . -3.32 -12.89 17.64
H22 EDO L . -4.46 -13.92 16.77
HO2 EDO L . -3.20 -14.55 18.98
C1 EDO M . 24.35 -17.16 -5.86
C1 EDO M . 23.20 -16.37 -6.11
O1 EDO M . 23.05 -17.64 -6.21
O1 EDO M . 21.82 -16.69 -6.44
C2 EDO M . 25.05 -18.17 -4.92
C2 EDO M . 23.82 -17.76 -5.80
O2 EDO M . 26.46 -18.02 -4.99
O2 EDO M . 25.22 -17.78 -5.45
H11 EDO M . 24.95 -17.02 -6.77
H11 EDO M . 23.70 -15.89 -6.95
H12 EDO M . 24.26 -16.20 -5.36
H12 EDO M . 23.26 -15.71 -5.25
HO1 EDO M . 22.55 -16.94 -6.65
HO1 EDO M . 21.36 -15.88 -6.74
H21 EDO M . 24.71 -18.01 -3.91
H21 EDO M . 23.25 -18.21 -4.98
H22 EDO M . 24.77 -19.19 -5.22
H22 EDO M . 23.67 -18.40 -6.67
HO2 EDO M . 26.87 -18.55 -4.30
HO2 EDO M . 25.39 -18.54 -4.87
#